data_5MER
#
_entry.id   5MER
#
_cell.length_a   118.970
_cell.length_b   170.280
_cell.length_c   45.710
_cell.angle_alpha   90.000
_cell.angle_beta   90.000
_cell.angle_gamma   90.000
#
_symmetry.space_group_name_H-M   'P 21 21 2'
#
loop_
_entity.id
_entity.type
_entity.pdbx_description
1 polymer 'HLA class I histocompatibility antigen, A-2 alpha chain'
2 polymer Beta-2-microglobulin
3 polymer ILE-LEU-ALA-LYS-PHE-LEU-HIS-GLU-LEU
4 non-polymer 1,2-ETHANEDIOL
5 non-polymer 'CALCIUM ION'
6 non-polymer '2-(N-MORPHOLINO)-ETHANESULFONIC ACID'
7 non-polymer 'SULFATE ION'
8 non-polymer GLYCEROL
9 water water
#
loop_
_entity_poly.entity_id
_entity_poly.type
_entity_poly.pdbx_seq_one_letter_code
_entity_poly.pdbx_strand_id
1 'polypeptide(L)'
;GSHSMRYFFTSVSRPGRGEPRFIAVGYVDDTQFVRFDSDAASQRMEPRAPWIEQEGPEYWDGETRKVKAHSQTHRVDLGT
LRGYYNQSEAGSHTVQRMYGCDVGSDWRFLRGYHQYAYDGKDYIALKEDLRSWTAADMAAQTTKHKWEAAHVAEQLRAYL
EGTCVEWLRRYLENGKETLQRTDAPKTHMTHHAVSDHEATLRCWALSFYPAEITLTWQRDGEDQTQDTELVETRPAGDGT
FQKWAAVVVPSGQEQRYTCHVQHEGLPKPLTLRWEP
;
A,D
2 'polypeptide(L)'
;MIQRTPKIQVYSRHPAENGKSNFLNCYVSGFHPSDIEVDLLKNGERIEKVEHSDLSFSKDWSFYLLYYTEFTPTEKDEYA
CRVNHVTLSQPKIVKWDRDM
;
B,E
3 'polypeptide(L)' ILAKFLHEL C,F
#
# COMPACT_ATOMS: atom_id res chain seq x y z
N GLY A 1 33.92 -15.02 -12.83
CA GLY A 1 33.34 -14.81 -14.15
C GLY A 1 32.85 -13.39 -14.24
N SER A 2 31.55 -13.21 -14.08
CA SER A 2 30.94 -11.96 -14.43
C SER A 2 30.90 -10.99 -13.23
N HIS A 3 30.57 -9.74 -13.52
CA HIS A 3 30.68 -8.65 -12.60
C HIS A 3 29.58 -7.60 -12.91
N SER A 4 29.31 -6.72 -11.94
CA SER A 4 28.30 -5.74 -12.05
C SER A 4 28.72 -4.44 -11.32
N MET A 5 28.20 -3.32 -11.80
CA MET A 5 28.28 -2.06 -11.09
C MET A 5 26.85 -1.58 -10.95
N ARG A 6 26.45 -1.21 -9.71
CA ARG A 6 25.08 -0.81 -9.41
C ARG A 6 25.06 0.38 -8.52
N TYR A 7 24.17 1.32 -8.82
CA TYR A 7 23.91 2.46 -7.93
C TYR A 7 22.48 2.42 -7.47
N PHE A 8 22.34 2.71 -6.18
CA PHE A 8 21.08 2.62 -5.50
C PHE A 8 20.78 4.00 -4.90
N PHE A 9 19.61 4.58 -5.22
CA PHE A 9 19.21 5.91 -4.68
C PHE A 9 17.86 5.84 -3.99
N THR A 10 17.79 6.48 -2.79
CA THR A 10 16.56 6.58 -2.06
C THR A 10 16.30 8.06 -1.78
N SER A 11 15.08 8.56 -1.99
CA SER A 11 14.70 9.89 -1.56
C SER A 11 13.42 9.80 -0.78
N VAL A 12 13.36 10.43 0.37
CA VAL A 12 12.24 10.38 1.25
C VAL A 12 11.80 11.77 1.58
N SER A 13 10.51 12.08 1.34
CA SER A 13 9.98 13.40 1.66
C SER A 13 9.72 13.51 3.14
N ARG A 14 9.74 14.72 3.64
CA ARG A 14 9.41 14.95 5.00
C ARG A 14 8.24 15.92 5.02
N PRO A 15 7.29 15.75 5.90
CA PRO A 15 6.13 16.63 5.96
C PRO A 15 6.40 18.13 6.02
N GLY A 16 5.49 18.85 5.37
CA GLY A 16 5.47 20.31 5.37
C GLY A 16 6.69 20.82 4.62
N ARG A 17 7.35 21.81 5.17
CA ARG A 17 8.49 22.36 4.52
C ARG A 17 9.81 21.66 4.87
N GLY A 18 9.84 20.47 5.49
CA GLY A 18 11.11 19.76 5.64
C GLY A 18 11.73 19.32 4.27
N GLU A 19 13.03 19.44 4.09
CA GLU A 19 13.68 18.95 2.88
C GLU A 19 13.74 17.40 2.83
N PRO A 20 13.75 16.78 1.66
CA PRO A 20 13.80 15.31 1.57
C PRO A 20 15.20 14.83 1.90
N ARG A 21 15.28 13.66 2.46
CA ARG A 21 16.53 12.97 2.67
C ARG A 21 16.93 12.25 1.37
N PHE A 22 18.21 12.28 0.99
CA PHE A 22 18.66 11.62 -0.21
C PHE A 22 19.90 10.76 0.18
N ILE A 23 19.86 9.49 -0.22
CA ILE A 23 20.96 8.54 0.02
C ILE A 23 21.30 7.91 -1.28
N ALA A 24 22.60 7.81 -1.57
CA ALA A 24 23.08 7.16 -2.74
C ALA A 24 24.20 6.21 -2.32
N VAL A 25 24.18 4.99 -2.82
CA VAL A 25 25.29 4.06 -2.57
C VAL A 25 25.63 3.37 -3.88
N GLY A 26 26.91 3.09 -4.10
CA GLY A 26 27.38 2.37 -5.31
C GLY A 26 28.16 1.15 -4.89
N TYR A 27 27.95 0.11 -5.67
CA TYR A 27 28.52 -1.16 -5.48
C TYR A 27 29.23 -1.65 -6.77
N VAL A 28 30.38 -2.31 -6.56
CA VAL A 28 30.95 -3.22 -7.58
C VAL A 28 30.73 -4.65 -7.01
N ASP A 29 29.97 -5.46 -7.76
CA ASP A 29 29.56 -6.77 -7.28
C ASP A 29 28.87 -6.56 -5.94
N ASP A 30 29.35 -7.21 -4.88
CA ASP A 30 28.71 -7.07 -3.59
C ASP A 30 29.53 -6.17 -2.67
N THR A 31 30.36 -5.33 -3.22
CA THR A 31 31.26 -4.50 -2.41
C THR A 31 30.83 -3.04 -2.60
N GLN A 32 30.52 -2.37 -1.51
CA GLN A 32 30.20 -0.97 -1.52
C GLN A 32 31.44 -0.13 -1.72
N PHE A 33 31.37 0.85 -2.62
CA PHE A 33 32.58 1.65 -2.84
C PHE A 33 32.38 3.15 -2.65
N VAL A 34 31.15 3.66 -2.75
CA VAL A 34 30.92 5.07 -2.48
C VAL A 34 29.57 5.23 -1.79
N ARG A 35 29.44 6.36 -1.11
CA ARG A 35 28.16 6.72 -0.52
C ARG A 35 27.98 8.25 -0.52
N PHE A 36 26.72 8.68 -0.47
CA PHE A 36 26.35 10.05 -0.22
C PHE A 36 25.11 10.00 0.67
N ASP A 37 25.09 10.85 1.67
CA ASP A 37 23.91 10.94 2.45
C ASP A 37 23.67 12.41 2.77
N SER A 38 22.51 12.97 2.37
CA SER A 38 22.24 14.40 2.59
C SER A 38 22.18 14.81 4.04
N ASP A 39 21.90 13.89 4.95
CA ASP A 39 21.96 14.19 6.39
C ASP A 39 23.40 14.25 6.95
N ALA A 40 24.37 13.69 6.25
CA ALA A 40 25.73 13.56 6.81
C ALA A 40 26.52 14.86 6.74
N ALA A 41 27.58 14.93 7.54
CA ALA A 41 28.31 16.17 7.72
C ALA A 41 28.97 16.67 6.47
N SER A 42 29.56 15.78 5.69
CA SER A 42 30.48 16.18 4.62
C SER A 42 29.78 16.89 3.46
N GLN A 43 28.55 16.48 3.16
CA GLN A 43 27.86 16.95 1.93
C GLN A 43 28.65 16.60 0.65
N ARG A 44 29.42 15.50 0.70
CA ARG A 44 30.23 15.09 -0.45
C ARG A 44 30.02 13.58 -0.67
N MET A 45 30.34 13.14 -1.89
CA MET A 45 30.46 11.73 -2.16
C MET A 45 31.70 11.25 -1.42
N GLU A 46 31.59 10.12 -0.71
CA GLU A 46 32.67 9.61 0.13
C GLU A 46 33.04 8.19 -0.24
N PRO A 47 34.32 7.85 -0.10
CA PRO A 47 34.80 6.51 -0.40
C PRO A 47 34.34 5.52 0.66
N ARG A 48 34.07 4.30 0.24
CA ARG A 48 33.79 3.21 1.17
C ARG A 48 34.61 1.94 0.88
N ALA A 49 35.58 2.02 -0.03
CA ALA A 49 36.49 0.91 -0.31
C ALA A 49 37.87 1.52 -0.46
N PRO A 50 38.95 0.83 -0.01
CA PRO A 50 40.29 1.37 -0.12
C PRO A 50 40.76 1.68 -1.51
N TRP A 51 40.35 0.89 -2.50
CA TRP A 51 40.83 1.08 -3.86
C TRP A 51 40.28 2.32 -4.60
N ILE A 52 39.14 2.88 -4.14
CA ILE A 52 38.59 4.07 -4.79
C ILE A 52 39.27 5.34 -4.27
N GLU A 53 39.88 5.25 -3.10
CA GLU A 53 40.57 6.39 -2.51
C GLU A 53 41.74 6.85 -3.36
N GLN A 54 42.18 6.04 -4.30
CA GLN A 54 43.29 6.45 -5.16
C GLN A 54 42.83 7.39 -6.26
N GLU A 55 41.51 7.46 -6.51
CA GLU A 55 40.95 8.47 -7.43
C GLU A 55 41.23 9.86 -6.86
N GLY A 56 41.63 10.79 -7.73
CA GLY A 56 42.03 12.12 -7.33
C GLY A 56 40.88 13.09 -7.16
N PRO A 57 41.18 14.35 -6.80
CA PRO A 57 40.17 15.35 -6.45
C PRO A 57 39.14 15.61 -7.55
N GLU A 58 39.57 15.50 -8.82
CA GLU A 58 38.68 15.64 -9.97
C GLU A 58 37.56 14.60 -9.92
N TYR A 59 37.90 13.37 -9.54
CA TYR A 59 36.85 12.33 -9.40
C TYR A 59 35.86 12.71 -8.34
N TRP A 60 36.35 13.04 -7.15
CA TRP A 60 35.47 13.32 -6.01
C TRP A 60 34.65 14.60 -6.21
N ASP A 61 35.27 15.63 -6.78
CA ASP A 61 34.53 16.85 -7.15
C ASP A 61 33.45 16.52 -8.17
N GLY A 62 33.75 15.75 -9.20
CA GLY A 62 32.75 15.46 -10.23
C GLY A 62 31.60 14.62 -9.68
N GLU A 63 31.96 13.62 -8.87
CA GLU A 63 30.91 12.75 -8.36
C GLU A 63 30.01 13.45 -7.37
N THR A 64 30.58 14.37 -6.61
CA THR A 64 29.80 15.13 -5.65
C THR A 64 28.84 16.06 -6.42
N ARG A 65 29.34 16.73 -7.47
CA ARG A 65 28.45 17.57 -8.37
C ARG A 65 27.27 16.73 -8.87
N LYS A 66 27.58 15.58 -9.44
CA LYS A 66 26.56 14.69 -10.02
C LYS A 66 25.59 14.15 -9.03
N VAL A 67 26.05 13.74 -7.85
CA VAL A 67 25.15 13.17 -6.88
C VAL A 67 24.23 14.26 -6.34
N LYS A 68 24.73 15.48 -6.21
CA LYS A 68 23.85 16.60 -5.87
C LYS A 68 22.78 16.90 -6.95
N ALA A 69 23.17 16.78 -8.20
CA ALA A 69 22.22 16.95 -9.29
C ALA A 69 21.22 15.84 -9.30
N HIS A 70 21.63 14.59 -9.01
CA HIS A 70 20.69 13.49 -8.83
C HIS A 70 19.68 13.76 -7.74
N SER A 71 20.14 14.29 -6.63
CA SER A 71 19.25 14.57 -5.51
C SER A 71 18.21 15.67 -5.88
N GLN A 72 18.63 16.61 -6.68
CA GLN A 72 17.69 17.65 -7.17
C GLN A 72 16.63 17.11 -8.11
N THR A 73 17.00 16.19 -8.99
CA THR A 73 16.01 15.50 -9.77
C THR A 73 15.02 14.76 -8.93
N HIS A 74 15.46 14.07 -7.90
CA HIS A 74 14.51 13.30 -7.07
C HIS A 74 13.65 14.20 -6.25
N ARG A 75 14.19 15.32 -5.82
CA ARG A 75 13.38 16.32 -5.10
C ARG A 75 12.14 16.78 -5.97
N VAL A 76 12.41 17.12 -7.23
CA VAL A 76 11.37 17.50 -8.15
C VAL A 76 10.41 16.37 -8.35
N ASP A 77 10.94 15.18 -8.55
CA ASP A 77 10.09 13.99 -8.75
C ASP A 77 9.14 13.69 -7.60
N LEU A 78 9.60 13.84 -6.36
CA LEU A 78 8.67 13.68 -5.22
C LEU A 78 7.42 14.60 -5.28
N GLY A 79 7.65 15.84 -5.71
CA GLY A 79 6.62 16.80 -5.98
C GLY A 79 5.70 16.35 -7.10
N THR A 80 6.27 15.88 -8.21
CA THR A 80 5.47 15.47 -9.35
C THR A 80 4.55 14.31 -9.02
N LEU A 81 5.11 13.34 -8.28
CA LEU A 81 4.39 12.16 -7.91
C LEU A 81 3.29 12.41 -6.89
N ARG A 82 3.52 13.34 -5.98
CA ARG A 82 2.48 13.74 -5.05
C ARG A 82 1.22 14.21 -5.77
N GLY A 83 1.40 14.99 -6.85
CA GLY A 83 0.28 15.41 -7.70
C GLY A 83 -0.33 14.27 -8.48
N TYR A 84 0.50 13.44 -9.10
CA TYR A 84 -0.03 12.33 -9.92
C TYR A 84 -0.89 11.37 -9.12
N TYR A 85 -0.55 11.12 -7.88
CA TYR A 85 -1.34 10.25 -7.03
C TYR A 85 -2.35 10.96 -6.11
N ASN A 86 -2.51 12.27 -6.28
CA ASN A 86 -3.40 13.07 -5.49
C ASN A 86 -3.20 12.93 -3.97
N GLN A 87 -1.98 13.17 -3.51
CA GLN A 87 -1.59 12.97 -2.09
C GLN A 87 -1.32 14.29 -1.37
N SER A 88 -1.59 14.35 -0.08
CA SER A 88 -1.47 15.62 0.71
C SER A 88 -0.03 15.87 1.07
N GLU A 89 0.26 17.00 1.71
CA GLU A 89 1.63 17.33 2.09
C GLU A 89 2.02 16.76 3.43
N ALA A 90 1.04 16.17 4.12
CA ALA A 90 1.19 15.70 5.50
C ALA A 90 2.02 14.44 5.65
N GLY A 91 2.01 13.60 4.63
CA GLY A 91 2.70 12.32 4.69
C GLY A 91 4.04 12.31 4.00
N SER A 92 4.89 11.41 4.47
CA SER A 92 6.14 11.06 3.84
C SER A 92 6.06 9.95 2.75
N HIS A 93 6.75 10.15 1.63
CA HIS A 93 6.72 9.25 0.49
C HIS A 93 8.13 8.99 0.09
N THR A 94 8.35 7.91 -0.64
CA THR A 94 9.67 7.42 -0.95
C THR A 94 9.80 7.14 -2.45
N VAL A 95 10.87 7.63 -3.05
CA VAL A 95 11.29 7.22 -4.41
C VAL A 95 12.59 6.45 -4.30
N GLN A 96 12.70 5.38 -5.06
CA GLN A 96 13.92 4.63 -5.18
C GLN A 96 14.26 4.41 -6.63
N ARG A 97 15.55 4.44 -6.91
CA ARG A 97 16.06 4.21 -8.27
C ARG A 97 17.29 3.31 -8.21
N MET A 98 17.40 2.41 -9.18
CA MET A 98 18.57 1.60 -9.31
C MET A 98 18.96 1.55 -10.76
N TYR A 99 20.26 1.68 -11.00
CA TYR A 99 20.75 1.50 -12.31
C TYR A 99 22.13 0.91 -12.31
N GLY A 100 22.47 0.29 -13.44
CA GLY A 100 23.81 -0.23 -13.60
C GLY A 100 23.94 -1.24 -14.72
N CYS A 101 25.08 -1.92 -14.74
CA CYS A 101 25.46 -2.80 -15.86
C CYS A 101 26.14 -4.06 -15.34
N ASP A 102 25.99 -5.14 -16.10
CA ASP A 102 26.71 -6.39 -15.85
C ASP A 102 27.64 -6.62 -17.03
N VAL A 103 28.81 -7.17 -16.74
CA VAL A 103 29.72 -7.68 -17.73
C VAL A 103 30.00 -9.14 -17.50
N GLY A 104 30.42 -9.82 -18.58
CA GLY A 104 30.65 -11.26 -18.52
C GLY A 104 32.08 -11.54 -18.11
N SER A 105 32.45 -12.81 -18.23
CA SER A 105 33.81 -13.23 -17.95
C SER A 105 34.84 -12.52 -18.78
N ASP A 106 34.49 -12.24 -20.02
CA ASP A 106 35.38 -11.49 -20.89
C ASP A 106 35.33 -9.97 -20.62
N TRP A 107 34.59 -9.55 -19.61
CA TRP A 107 34.38 -8.09 -19.24
C TRP A 107 33.72 -7.22 -20.34
N ARG A 108 32.97 -7.87 -21.21
CA ARG A 108 32.15 -7.19 -22.18
C ARG A 108 30.73 -7.08 -21.64
N PHE A 109 30.03 -6.08 -22.16
CA PHE A 109 28.68 -5.79 -21.74
C PHE A 109 27.80 -7.02 -21.86
N LEU A 110 27.05 -7.32 -20.81
CA LEU A 110 26.08 -8.40 -20.82
C LEU A 110 24.66 -7.87 -20.72
N ARG A 111 24.45 -6.90 -19.83
CA ARG A 111 23.13 -6.33 -19.65
C ARG A 111 23.12 -5.03 -18.89
N GLY A 112 22.05 -4.28 -19.05
CA GLY A 112 21.90 -2.99 -18.37
C GLY A 112 20.56 -2.89 -17.69
N TYR A 113 20.47 -2.03 -16.67
N TYR A 113 20.44 -1.98 -16.76
CA TYR A 113 19.30 -1.86 -15.79
CA TYR A 113 19.15 -1.87 -16.16
C TYR A 113 19.00 -0.42 -15.50
C TYR A 113 18.98 -0.48 -15.52
N HIS A 114 17.72 -0.07 -15.46
CA HIS A 114 17.34 1.22 -14.83
C HIS A 114 15.90 1.11 -14.38
N GLN A 115 15.69 1.10 -13.07
CA GLN A 115 14.40 0.81 -12.48
C GLN A 115 14.05 1.89 -11.48
N TYR A 116 12.74 2.17 -11.33
CA TYR A 116 12.24 3.26 -10.47
C TYR A 116 11.01 2.79 -9.74
N ALA A 117 10.92 3.15 -8.48
CA ALA A 117 9.82 2.75 -7.66
C ALA A 117 9.31 3.93 -6.85
N TYR A 118 8.00 3.91 -6.58
CA TYR A 118 7.42 4.90 -5.69
C TYR A 118 6.65 4.20 -4.61
N ASP A 119 6.87 4.63 -3.36
CA ASP A 119 6.17 4.05 -2.19
C ASP A 119 6.24 2.54 -2.15
N GLY A 120 7.41 2.03 -2.51
CA GLY A 120 7.72 0.64 -2.34
C GLY A 120 7.20 -0.25 -3.49
N LYS A 121 6.74 0.34 -4.58
CA LYS A 121 6.22 -0.47 -5.73
C LYS A 121 6.81 0.00 -7.03
N ASP A 122 7.00 -0.93 -7.95
CA ASP A 122 7.48 -0.64 -9.31
C ASP A 122 6.71 0.51 -9.92
N TYR A 123 7.40 1.47 -10.49
CA TYR A 123 6.75 2.58 -11.15
C TYR A 123 7.06 2.46 -12.67
N ILE A 124 8.33 2.55 -13.03
CA ILE A 124 8.75 2.40 -14.41
C ILE A 124 10.11 1.77 -14.49
N ALA A 125 10.35 0.98 -15.52
CA ALA A 125 11.65 0.40 -15.73
C ALA A 125 11.94 0.26 -17.21
N LEU A 126 13.23 0.26 -17.46
CA LEU A 126 13.78 0.09 -18.78
C LEU A 126 13.74 -1.40 -19.08
N LYS A 127 13.22 -1.78 -20.23
CA LYS A 127 13.27 -3.18 -20.56
C LYS A 127 14.66 -3.61 -20.98
N GLU A 128 14.86 -4.91 -21.13
CA GLU A 128 16.20 -5.43 -21.33
C GLU A 128 16.78 -5.02 -22.69
N ASP A 129 15.94 -4.69 -23.67
CA ASP A 129 16.51 -4.23 -24.94
C ASP A 129 17.06 -2.80 -24.86
N LEU A 130 16.86 -2.17 -23.72
CA LEU A 130 17.29 -0.80 -23.46
C LEU A 130 16.71 0.22 -24.48
N ARG A 131 15.55 -0.09 -25.05
CA ARG A 131 14.92 0.82 -26.03
C ARG A 131 13.46 1.17 -25.73
N SER A 132 12.90 0.56 -24.70
CA SER A 132 11.47 0.60 -24.43
C SER A 132 11.28 0.46 -22.92
N TRP A 133 10.08 0.86 -22.45
CA TRP A 133 9.81 1.00 -21.04
C TRP A 133 8.61 0.19 -20.61
N THR A 134 8.60 -0.20 -19.34
CA THR A 134 7.42 -0.87 -18.76
C THR A 134 6.93 0.03 -17.65
N ALA A 135 5.67 0.41 -17.77
CA ALA A 135 5.06 1.33 -16.84
C ALA A 135 3.97 0.59 -16.03
N ALA A 136 3.98 0.82 -14.74
CA ALA A 136 3.12 0.09 -13.80
C ALA A 136 1.67 0.54 -13.83
N ASP A 137 1.43 1.80 -14.14
CA ASP A 137 0.12 2.37 -14.04
C ASP A 137 -0.06 3.63 -14.90
N MET A 138 -1.19 4.32 -14.71
CA MET A 138 -1.51 5.45 -15.51
C MET A 138 -0.54 6.61 -15.32
N ALA A 139 -0.10 6.82 -14.08
CA ALA A 139 0.88 7.86 -13.80
C ALA A 139 2.18 7.56 -14.53
N ALA A 140 2.62 6.31 -14.43
CA ALA A 140 3.88 5.96 -15.04
C ALA A 140 3.78 6.01 -16.56
N GLN A 141 2.60 5.76 -17.09
CA GLN A 141 2.35 5.93 -18.53
C GLN A 141 2.61 7.37 -19.04
N THR A 142 2.22 8.33 -18.23
CA THR A 142 2.55 9.73 -18.47
C THR A 142 4.09 9.93 -18.55
N THR A 143 4.80 9.39 -17.58
CA THR A 143 6.23 9.49 -17.59
C THR A 143 6.82 8.76 -18.83
N LYS A 144 6.28 7.58 -19.16
CA LYS A 144 6.72 6.83 -20.32
C LYS A 144 6.57 7.68 -21.56
N HIS A 145 5.42 8.28 -21.75
CA HIS A 145 5.22 9.15 -22.91
C HIS A 145 6.21 10.32 -22.97
N LYS A 146 6.45 10.95 -21.82
CA LYS A 146 7.41 12.05 -21.78
C LYS A 146 8.83 11.58 -22.08
N TRP A 147 9.20 10.41 -21.55
CA TRP A 147 10.53 9.85 -21.73
C TRP A 147 10.76 9.31 -23.17
N GLU A 148 9.69 8.83 -23.80
CA GLU A 148 9.72 8.48 -25.19
C GLU A 148 9.99 9.69 -26.08
N ALA A 149 9.28 10.77 -25.79
CA ALA A 149 9.31 11.97 -26.60
C ALA A 149 10.68 12.62 -26.51
N ALA A 150 11.25 12.54 -25.32
CA ALA A 150 12.56 13.06 -25.05
C ALA A 150 13.73 12.08 -25.33
N HIS A 151 13.46 10.87 -25.85
CA HIS A 151 14.53 9.92 -26.15
C HIS A 151 15.47 9.58 -24.98
N VAL A 152 14.88 9.42 -23.82
CA VAL A 152 15.59 9.10 -22.61
C VAL A 152 16.24 7.73 -22.69
N ALA A 153 15.53 6.75 -23.25
CA ALA A 153 16.13 5.41 -23.32
C ALA A 153 17.45 5.42 -24.11
N GLU A 154 17.51 6.19 -25.20
CA GLU A 154 18.72 6.19 -26.03
C GLU A 154 19.90 6.76 -25.22
N GLN A 155 19.61 7.74 -24.36
CA GLN A 155 20.62 8.37 -23.52
C GLN A 155 21.13 7.46 -22.41
N LEU A 156 20.21 6.73 -21.79
CA LEU A 156 20.59 5.76 -20.85
C LEU A 156 21.39 4.65 -21.46
N ARG A 157 20.99 4.21 -22.63
CA ARG A 157 21.65 3.11 -23.23
C ARG A 157 23.15 3.41 -23.43
N ALA A 158 23.46 4.63 -23.83
CA ALA A 158 24.84 5.06 -24.05
C ALA A 158 25.63 4.98 -22.77
N TYR A 159 25.00 5.37 -21.67
CA TYR A 159 25.63 5.28 -20.34
C TYR A 159 25.84 3.81 -19.95
N LEU A 160 24.78 3.02 -20.07
CA LEU A 160 24.84 1.64 -19.60
C LEU A 160 25.78 0.77 -20.41
N GLU A 161 25.86 0.98 -21.73
CA GLU A 161 26.74 0.17 -22.57
C GLU A 161 28.14 0.75 -22.73
N GLY A 162 28.34 2.01 -22.41
CA GLY A 162 29.60 2.70 -22.66
C GLY A 162 30.26 3.02 -21.32
N THR A 163 29.83 4.10 -20.72
CA THR A 163 30.49 4.64 -19.55
C THR A 163 30.53 3.63 -18.38
N CYS A 164 29.42 2.99 -18.16
CA CYS A 164 29.23 2.07 -17.04
C CYS A 164 30.23 0.91 -17.15
N VAL A 165 30.31 0.33 -18.33
CA VAL A 165 31.23 -0.78 -18.58
C VAL A 165 32.70 -0.36 -18.45
N GLU A 166 33.03 0.80 -18.99
CA GLU A 166 34.40 1.24 -18.94
C GLU A 166 34.89 1.52 -17.54
N TRP A 167 34.08 2.18 -16.75
CA TRP A 167 34.46 2.48 -15.39
C TRP A 167 34.46 1.22 -14.52
N LEU A 168 33.48 0.33 -14.75
CA LEU A 168 33.50 -0.97 -14.09
C LEU A 168 34.82 -1.71 -14.33
N ARG A 169 35.28 -1.74 -15.57
CA ARG A 169 36.57 -2.36 -15.87
C ARG A 169 37.73 -1.67 -15.17
N ARG A 170 37.66 -0.35 -15.07
CA ARG A 170 38.73 0.36 -14.39
C ARG A 170 38.74 -0.01 -12.91
N TYR A 171 37.55 -0.01 -12.31
CA TYR A 171 37.45 -0.38 -10.89
C TYR A 171 37.94 -1.82 -10.64
N LEU A 172 37.57 -2.74 -11.51
CA LEU A 172 37.97 -4.13 -11.38
C LEU A 172 39.48 -4.28 -11.43
N GLU A 173 40.11 -3.50 -12.31
CA GLU A 173 41.52 -3.45 -12.33
C GLU A 173 42.15 -2.82 -11.11
N ASN A 174 41.72 -1.63 -10.73
CA ASN A 174 42.33 -0.90 -9.61
C ASN A 174 42.12 -1.58 -8.25
N GLY A 175 40.99 -2.26 -8.12
CA GLY A 175 40.63 -2.97 -6.90
C GLY A 175 40.84 -4.48 -7.02
N LYS A 176 41.70 -4.89 -7.94
CA LYS A 176 41.87 -6.29 -8.31
C LYS A 176 42.11 -7.26 -7.11
N GLU A 177 42.95 -6.81 -6.18
CA GLU A 177 43.33 -7.58 -4.98
C GLU A 177 42.12 -7.92 -4.13
N THR A 178 41.07 -7.12 -4.16
CA THR A 178 39.90 -7.48 -3.39
C THR A 178 38.64 -7.76 -4.23
N LEU A 179 38.44 -7.12 -5.37
CA LEU A 179 37.22 -7.41 -6.16
C LEU A 179 37.30 -8.70 -6.98
N GLN A 180 38.49 -9.09 -7.43
CA GLN A 180 38.61 -10.27 -8.28
C GLN A 180 38.87 -11.56 -7.48
N ARG A 181 38.49 -11.56 -6.23
CA ARG A 181 38.69 -12.70 -5.37
C ARG A 181 37.31 -13.36 -5.29
N THR A 182 37.30 -14.67 -5.12
CA THR A 182 36.14 -15.31 -4.58
C THR A 182 36.64 -15.97 -3.32
N ASP A 183 35.82 -15.93 -2.29
CA ASP A 183 36.08 -16.63 -1.04
C ASP A 183 35.06 -17.74 -0.96
N ALA A 184 35.50 -18.99 -1.10
CA ALA A 184 34.59 -20.14 -0.91
C ALA A 184 34.06 -20.25 0.53
N PRO A 185 32.84 -20.71 0.73
CA PRO A 185 32.29 -20.87 2.08
C PRO A 185 33.05 -21.85 2.93
N LYS A 186 33.33 -21.46 4.17
CA LYS A 186 33.72 -22.39 5.17
C LYS A 186 32.46 -22.97 5.73
N THR A 187 32.39 -24.28 5.78
CA THR A 187 31.16 -24.93 6.15
C THR A 187 31.34 -25.81 7.35
N HIS A 188 30.22 -25.98 8.09
CA HIS A 188 30.17 -26.97 9.16
C HIS A 188 28.69 -27.22 9.51
N MET A 189 28.47 -28.23 10.32
CA MET A 189 27.11 -28.56 10.77
C MET A 189 27.05 -28.60 12.27
N THR A 190 25.95 -28.15 12.83
CA THR A 190 25.71 -28.24 14.24
C THR A 190 24.39 -29.01 14.48
N HIS A 191 24.25 -29.50 15.72
CA HIS A 191 23.21 -30.41 16.07
C HIS A 191 22.69 -30.01 17.44
N HIS A 192 21.37 -29.93 17.59
CA HIS A 192 20.81 -29.72 18.93
C HIS A 192 19.55 -30.49 19.11
N ALA A 193 19.44 -31.20 20.22
CA ALA A 193 18.19 -31.83 20.61
C ALA A 193 17.10 -30.74 20.71
N VAL A 194 15.91 -31.00 20.19
CA VAL A 194 14.78 -30.10 20.48
C VAL A 194 13.69 -30.75 21.35
N SER A 195 13.85 -32.01 21.71
CA SER A 195 12.97 -32.78 22.58
C SER A 195 13.69 -34.10 22.74
N ASP A 196 13.07 -35.07 23.38
CA ASP A 196 13.66 -36.41 23.40
C ASP A 196 13.44 -37.26 22.12
N HIS A 197 12.76 -36.72 21.11
CA HIS A 197 12.56 -37.51 19.88
C HIS A 197 12.87 -36.72 18.60
N GLU A 198 13.27 -35.45 18.71
CA GLU A 198 13.65 -34.68 17.56
C GLU A 198 14.92 -33.88 17.82
N ALA A 199 15.63 -33.54 16.76
CA ALA A 199 16.83 -32.74 16.83
C ALA A 199 16.91 -31.84 15.65
N THR A 200 17.57 -30.69 15.85
CA THR A 200 17.82 -29.78 14.79
C THR A 200 19.21 -30.06 14.22
N LEU A 201 19.33 -30.14 12.89
CA LEU A 201 20.63 -30.05 12.20
C LEU A 201 20.70 -28.69 11.46
N ARG A 202 21.78 -27.95 11.64
CA ARG A 202 21.97 -26.66 10.99
C ARG A 202 23.30 -26.70 10.20
N CYS A 203 23.20 -26.42 8.94
CA CYS A 203 24.30 -26.40 8.00
C CYS A 203 24.68 -24.95 7.82
N TRP A 204 25.92 -24.61 8.05
CA TRP A 204 26.45 -23.25 8.05
C TRP A 204 27.41 -23.03 6.88
N ALA A 205 27.29 -21.86 6.25
CA ALA A 205 28.23 -21.38 5.25
C ALA A 205 28.70 -19.99 5.74
N LEU A 206 29.98 -19.87 5.99
CA LEU A 206 30.58 -18.67 6.53
C LEU A 206 31.68 -18.13 5.64
N SER A 207 31.90 -16.83 5.78
CA SER A 207 33.08 -16.15 5.24
C SER A 207 33.14 -16.26 3.74
N PHE A 208 32.00 -16.22 3.06
CA PHE A 208 32.00 -16.33 1.61
C PHE A 208 31.80 -15.00 0.86
N TYR A 209 32.25 -14.97 -0.41
CA TYR A 209 32.13 -13.81 -1.29
C TYR A 209 32.29 -14.32 -2.71
N PRO A 210 31.42 -13.93 -3.65
CA PRO A 210 30.27 -13.03 -3.45
C PRO A 210 29.09 -13.63 -2.68
N ALA A 211 28.01 -12.84 -2.56
CA ALA A 211 26.92 -13.22 -1.68
C ALA A 211 26.03 -14.38 -2.18
N GLU A 212 25.96 -14.58 -3.48
CA GLU A 212 25.05 -15.56 -4.06
C GLU A 212 25.50 -16.95 -3.60
N ILE A 213 24.59 -17.74 -3.07
CA ILE A 213 24.91 -19.06 -2.54
C ILE A 213 23.62 -19.83 -2.54
N THR A 214 23.71 -21.16 -2.64
CA THR A 214 22.52 -22.04 -2.52
C THR A 214 22.84 -23.11 -1.49
N LEU A 215 21.97 -23.26 -0.48
CA LEU A 215 22.02 -24.34 0.51
C LEU A 215 20.76 -25.15 0.40
N THR A 216 20.88 -26.46 0.34
CA THR A 216 19.68 -27.29 0.18
C THR A 216 19.86 -28.54 1.03
N TRP A 217 18.77 -29.06 1.61
CA TRP A 217 18.83 -30.27 2.40
C TRP A 217 18.22 -31.38 1.57
N GLN A 218 18.80 -32.57 1.67
CA GLN A 218 18.24 -33.76 1.07
C GLN A 218 18.08 -34.83 2.14
N ARG A 219 17.04 -35.60 2.05
CA ARG A 219 16.88 -36.78 2.89
C ARG A 219 16.94 -37.97 1.96
N ASP A 220 17.83 -38.92 2.26
CA ASP A 220 18.06 -40.04 1.37
C ASP A 220 18.15 -39.62 -0.09
N GLY A 221 18.83 -38.50 -0.32
CA GLY A 221 19.08 -38.04 -1.67
C GLY A 221 17.90 -37.38 -2.34
N GLU A 222 16.86 -37.07 -1.59
CA GLU A 222 15.64 -36.49 -2.14
C GLU A 222 15.45 -35.12 -1.54
N ASP A 223 15.13 -34.14 -2.38
CA ASP A 223 15.01 -32.76 -1.88
C ASP A 223 13.95 -32.61 -0.79
N GLN A 224 14.24 -31.79 0.19
CA GLN A 224 13.49 -31.77 1.42
C GLN A 224 13.21 -30.32 1.75
N THR A 225 11.94 -29.91 1.74
CA THR A 225 11.55 -28.58 2.22
C THR A 225 10.68 -28.67 3.49
N GLN A 226 9.95 -29.75 3.65
CA GLN A 226 9.20 -30.02 4.87
C GLN A 226 10.16 -29.89 6.07
N ASP A 227 9.71 -29.10 7.05
CA ASP A 227 10.41 -28.96 8.34
C ASP A 227 11.83 -28.41 8.18
N THR A 228 12.10 -27.61 7.13
CA THR A 228 13.37 -26.85 7.00
C THR A 228 13.19 -25.34 7.21
N GLU A 229 14.28 -24.65 7.49
CA GLU A 229 14.28 -23.20 7.68
C GLU A 229 15.57 -22.66 7.06
N LEU A 230 15.47 -21.58 6.30
CA LEU A 230 16.62 -21.04 5.59
C LEU A 230 16.60 -19.57 5.99
N VAL A 231 17.71 -18.99 6.44
CA VAL A 231 17.75 -17.54 6.66
C VAL A 231 18.27 -16.82 5.46
N GLU A 232 17.90 -15.55 5.37
CA GLU A 232 18.46 -14.70 4.34
C GLU A 232 19.95 -14.65 4.50
N THR A 233 20.64 -14.58 3.36
CA THR A 233 22.08 -14.34 3.38
C THR A 233 22.36 -12.96 4.03
N ARG A 234 23.35 -12.90 4.91
CA ARG A 234 23.57 -11.74 5.77
C ARG A 234 25.04 -11.33 5.74
N PRO A 235 25.32 -10.03 5.88
CA PRO A 235 26.72 -9.58 5.88
C PRO A 235 27.43 -9.91 7.23
N ALA A 236 28.69 -10.37 7.20
CA ALA A 236 29.39 -10.61 8.44
C ALA A 236 29.87 -9.30 9.00
N GLY A 237 30.04 -8.29 8.14
CA GLY A 237 30.54 -7.00 8.54
C GLY A 237 31.98 -6.71 8.13
N ASP A 238 32.68 -7.73 7.63
CA ASP A 238 34.09 -7.68 7.20
C ASP A 238 34.25 -7.91 5.67
N GLY A 239 33.19 -7.70 4.91
CA GLY A 239 33.16 -7.89 3.51
C GLY A 239 32.71 -9.30 3.03
N THR A 240 32.56 -10.25 3.91
CA THR A 240 32.03 -11.55 3.53
C THR A 240 30.57 -11.73 4.02
N PHE A 241 29.99 -12.85 3.64
CA PHE A 241 28.65 -13.19 3.98
C PHE A 241 28.52 -14.54 4.66
N GLN A 242 27.33 -14.73 5.25
CA GLN A 242 26.98 -15.87 6.08
C GLN A 242 25.56 -16.34 5.66
N LYS A 243 25.28 -17.64 5.84
CA LYS A 243 23.99 -18.20 5.66
C LYS A 243 23.92 -19.53 6.37
N TRP A 244 22.72 -19.90 6.79
CA TRP A 244 22.47 -21.23 7.29
C TRP A 244 21.15 -21.75 6.87
N ALA A 245 21.03 -23.10 6.91
CA ALA A 245 19.82 -23.76 6.61
C ALA A 245 19.70 -24.85 7.67
N ALA A 246 18.50 -25.11 8.13
CA ALA A 246 18.27 -26.11 9.18
C ALA A 246 17.07 -27.01 8.90
N VAL A 247 17.11 -28.21 9.44
CA VAL A 247 16.07 -29.20 9.31
C VAL A 247 15.84 -29.83 10.68
N VAL A 248 14.60 -30.17 11.01
CA VAL A 248 14.32 -30.89 12.22
C VAL A 248 14.13 -32.35 11.82
N VAL A 249 14.80 -33.23 12.53
CA VAL A 249 14.86 -34.61 12.15
C VAL A 249 14.52 -35.51 13.33
N PRO A 250 14.08 -36.73 13.09
CA PRO A 250 13.96 -37.72 14.17
C PRO A 250 15.35 -38.04 14.77
N SER A 251 15.42 -38.11 16.09
CA SER A 251 16.64 -38.53 16.81
C SER A 251 17.10 -39.89 16.34
N GLY A 252 18.39 -40.06 16.08
CA GLY A 252 18.92 -41.29 15.52
C GLY A 252 18.92 -41.35 14.01
N GLN A 253 18.25 -40.42 13.33
CA GLN A 253 18.20 -40.44 11.87
C GLN A 253 18.96 -39.34 11.20
N GLU A 254 19.85 -38.75 11.96
CA GLU A 254 20.65 -37.61 11.46
C GLU A 254 21.42 -37.95 10.19
N GLN A 255 21.87 -39.20 10.06
CA GLN A 255 22.74 -39.56 8.93
C GLN A 255 22.01 -39.67 7.60
N ARG A 256 20.67 -39.66 7.62
CA ARG A 256 19.89 -39.69 6.37
C ARG A 256 19.88 -38.36 5.61
N TYR A 257 20.32 -37.31 6.29
CA TYR A 257 20.20 -35.94 5.81
C TYR A 257 21.53 -35.46 5.29
N THR A 258 21.50 -34.85 4.13
CA THR A 258 22.68 -34.14 3.67
C THR A 258 22.37 -32.70 3.31
N CYS A 259 23.35 -31.83 3.59
CA CYS A 259 23.26 -30.46 3.18
C CYS A 259 24.21 -30.21 1.99
N HIS A 260 23.71 -29.51 0.99
CA HIS A 260 24.41 -29.33 -0.29
C HIS A 260 24.66 -27.83 -0.49
N VAL A 261 25.91 -27.49 -0.75
CA VAL A 261 26.28 -26.11 -0.94
C VAL A 261 26.91 -25.79 -2.30
N GLN A 262 26.33 -24.80 -2.97
CA GLN A 262 26.81 -24.34 -4.25
C GLN A 262 27.20 -22.90 -4.15
N HIS A 263 28.38 -22.61 -4.68
CA HIS A 263 28.92 -21.26 -4.62
C HIS A 263 29.97 -21.13 -5.69
N GLU A 264 30.09 -19.93 -6.29
CA GLU A 264 31.04 -19.69 -7.43
C GLU A 264 32.45 -20.03 -7.02
N GLY A 265 32.73 -19.93 -5.73
CA GLY A 265 34.03 -20.23 -5.18
C GLY A 265 34.39 -21.70 -5.09
N LEU A 266 33.43 -22.61 -5.27
CA LEU A 266 33.67 -24.03 -5.08
C LEU A 266 33.85 -24.63 -6.44
N PRO A 267 34.90 -25.43 -6.65
CA PRO A 267 35.05 -26.10 -7.92
C PRO A 267 34.00 -27.22 -8.10
N LYS A 268 33.41 -27.70 -7.02
CA LYS A 268 32.30 -28.62 -7.09
C LYS A 268 31.36 -28.36 -5.93
N PRO A 269 30.04 -28.56 -6.11
CA PRO A 269 29.15 -28.47 -4.92
C PRO A 269 29.65 -29.35 -3.74
N LEU A 270 29.52 -28.85 -2.51
CA LEU A 270 29.91 -29.60 -1.30
C LEU A 270 28.73 -30.37 -0.78
N THR A 271 28.98 -31.53 -0.21
CA THR A 271 27.94 -32.30 0.47
C THR A 271 28.38 -32.50 1.90
N LEU A 272 27.55 -32.13 2.86
CA LEU A 272 27.89 -32.31 4.26
C LEU A 272 26.91 -33.27 4.92
N ARG A 273 27.46 -34.05 5.84
CA ARG A 273 26.67 -34.98 6.64
C ARG A 273 27.08 -34.80 8.10
N TRP A 274 26.18 -35.00 9.05
CA TRP A 274 26.48 -34.84 10.44
C TRP A 274 27.51 -35.89 10.76
N GLU A 275 28.68 -35.39 11.11
CA GLU A 275 29.91 -36.17 11.09
C GLU A 275 30.40 -36.45 12.49
N PRO A 276 30.24 -35.49 13.41
CA PRO A 276 30.31 -35.99 14.79
C PRO A 276 29.18 -36.97 15.07
N MET B 1 0.86 2.75 -1.63
CA MET B 1 1.76 2.52 -0.47
C MET B 1 1.93 0.98 -0.35
N ILE B 2 3.15 0.49 -0.18
CA ILE B 2 3.29 -0.91 0.22
C ILE B 2 4.23 -0.80 1.36
N GLN B 3 3.73 -1.03 2.57
CA GLN B 3 4.54 -1.16 3.76
C GLN B 3 4.97 -2.63 4.13
N ARG B 4 6.11 -2.80 4.82
CA ARG B 4 6.57 -4.14 5.15
C ARG B 4 7.29 -4.11 6.49
N THR B 5 6.99 -5.06 7.35
CA THR B 5 7.67 -5.15 8.65
C THR B 5 9.12 -5.71 8.55
N PRO B 6 10.06 -5.34 9.45
CA PRO B 6 11.45 -5.79 9.32
C PRO B 6 11.64 -7.26 9.73
N LYS B 7 12.47 -7.95 8.97
CA LYS B 7 13.04 -9.22 9.38
C LYS B 7 14.24 -8.80 10.22
N ILE B 8 14.58 -9.57 11.26
CA ILE B 8 15.68 -9.21 12.12
C ILE B 8 16.49 -10.48 12.38
N GLN B 9 17.78 -10.38 12.18
CA GLN B 9 18.75 -11.45 12.62
C GLN B 9 19.78 -10.82 13.54
N VAL B 10 20.10 -11.55 14.60
CA VAL B 10 21.08 -11.12 15.53
C VAL B 10 22.14 -12.16 15.60
N TYR B 11 23.40 -11.81 15.42
CA TYR B 11 24.42 -12.81 15.25
C TYR B 11 25.80 -12.23 15.44
N SER B 12 26.79 -13.07 15.58
CA SER B 12 28.20 -12.59 15.70
C SER B 12 28.94 -12.64 14.37
N ARG B 13 29.95 -11.78 14.23
CA ARG B 13 30.78 -11.80 13.03
C ARG B 13 31.57 -13.10 12.89
N HIS B 14 32.17 -13.54 13.98
CA HIS B 14 32.92 -14.77 14.05
C HIS B 14 32.19 -15.68 14.95
N PRO B 15 32.46 -17.02 14.83
CA PRO B 15 31.93 -17.94 15.83
C PRO B 15 32.27 -17.50 17.24
N ALA B 16 31.28 -17.54 18.10
CA ALA B 16 31.45 -17.03 19.43
C ALA B 16 32.39 -17.91 20.26
N GLU B 17 33.34 -17.28 20.96
CA GLU B 17 34.15 -17.99 21.95
C GLU B 17 34.12 -17.15 23.17
N ASN B 18 33.69 -17.76 24.26
CA ASN B 18 33.47 -17.01 25.47
C ASN B 18 34.78 -16.34 25.92
N GLY B 19 34.69 -15.08 26.28
CA GLY B 19 35.81 -14.31 26.73
C GLY B 19 36.71 -13.75 25.62
N LYS B 20 36.38 -14.02 24.36
CA LYS B 20 37.09 -13.42 23.22
C LYS B 20 36.32 -12.33 22.50
N SER B 21 36.98 -11.18 22.31
N SER B 21 36.97 -11.18 22.32
CA SER B 21 36.41 -10.08 21.58
CA SER B 21 36.37 -10.06 21.62
C SER B 21 35.87 -10.47 20.20
C SER B 21 35.87 -10.44 20.21
N ASN B 22 34.77 -9.84 19.79
CA ASN B 22 34.07 -10.21 18.54
C ASN B 22 33.16 -8.99 18.19
N PHE B 23 32.30 -9.11 17.21
CA PHE B 23 31.29 -8.12 16.84
C PHE B 23 29.93 -8.74 16.88
N LEU B 24 28.96 -8.02 17.48
CA LEU B 24 27.59 -8.39 17.53
C LEU B 24 26.85 -7.58 16.46
N ASN B 25 26.15 -8.28 15.59
CA ASN B 25 25.48 -7.69 14.47
C ASN B 25 23.95 -7.81 14.68
N CYS B 26 23.23 -6.78 14.21
CA CYS B 26 21.77 -6.86 14.03
C CYS B 26 21.49 -6.42 12.65
N TYR B 27 21.04 -7.37 11.83
CA TYR B 27 20.78 -7.15 10.43
C TYR B 27 19.27 -7.07 10.29
N VAL B 28 18.80 -5.90 9.87
CA VAL B 28 17.37 -5.64 9.67
C VAL B 28 17.14 -5.43 8.22
N SER B 29 16.18 -6.15 7.67
CA SER B 29 15.95 -6.21 6.25
C SER B 29 14.47 -6.43 5.95
N GLY B 30 14.10 -6.31 4.67
CA GLY B 30 12.79 -6.53 4.25
C GLY B 30 11.74 -5.54 4.64
N PHE B 31 12.14 -4.33 5.02
CA PHE B 31 11.23 -3.37 5.59
C PHE B 31 10.99 -2.20 4.65
N HIS B 32 9.84 -1.60 4.85
CA HIS B 32 9.42 -0.40 4.10
C HIS B 32 8.33 0.26 4.89
N PRO B 33 8.35 1.59 5.06
CA PRO B 33 9.35 2.57 4.54
C PRO B 33 10.65 2.56 5.31
N SER B 34 11.55 3.57 5.04
CA SER B 34 12.91 3.42 5.47
C SER B 34 13.22 3.87 6.91
N ASP B 35 12.35 4.61 7.54
CA ASP B 35 12.68 5.03 8.87
C ASP B 35 12.58 3.84 9.81
N ILE B 36 13.63 3.67 10.61
CA ILE B 36 13.75 2.47 11.49
C ILE B 36 14.60 2.86 12.73
N GLU B 37 14.33 2.28 13.90
CA GLU B 37 15.14 2.56 15.07
C GLU B 37 15.63 1.25 15.56
N VAL B 38 16.92 1.14 15.86
CA VAL B 38 17.50 -0.13 16.26
C VAL B 38 18.41 0.11 17.47
N ASP B 39 18.27 -0.71 18.53
CA ASP B 39 19.09 -0.58 19.73
C ASP B 39 19.72 -1.96 19.92
N LEU B 40 21.01 -2.00 20.22
N LEU B 40 21.00 -2.00 20.23
CA LEU B 40 21.64 -3.26 20.65
CA LEU B 40 21.63 -3.25 20.66
C LEU B 40 21.71 -3.22 22.16
C LEU B 40 21.71 -3.22 22.17
N LEU B 41 21.39 -4.35 22.81
CA LEU B 41 21.26 -4.39 24.22
C LEU B 41 22.13 -5.48 24.85
N LYS B 42 22.69 -5.17 25.99
CA LYS B 42 23.36 -6.13 26.86
C LYS B 42 22.62 -6.18 28.19
N ASN B 43 22.10 -7.36 28.53
CA ASN B 43 21.30 -7.57 29.74
C ASN B 43 20.23 -6.49 29.89
N GLY B 44 19.60 -6.15 28.77
CA GLY B 44 18.52 -5.20 28.75
C GLY B 44 18.92 -3.72 28.68
N GLU B 45 20.22 -3.40 28.75
CA GLU B 45 20.69 -2.02 28.73
C GLU B 45 21.33 -1.63 27.40
N ARG B 46 21.10 -0.42 26.93
CA ARG B 46 21.61 -0.02 25.60
C ARG B 46 23.09 -0.04 25.54
N ILE B 47 23.63 -0.54 24.47
CA ILE B 47 25.05 -0.56 24.29
C ILE B 47 25.37 0.78 23.64
N GLU B 48 26.47 1.34 24.10
CA GLU B 48 26.75 2.75 23.92
C GLU B 48 27.25 3.05 22.53
N LYS B 49 28.20 2.28 22.01
CA LYS B 49 28.88 2.62 20.74
C LYS B 49 28.46 1.66 19.61
N VAL B 50 27.47 2.02 18.84
CA VAL B 50 26.94 1.13 17.83
C VAL B 50 27.05 1.89 16.51
N GLU B 51 27.53 1.21 15.47
CA GLU B 51 27.66 1.83 14.14
C GLU B 51 26.74 1.14 13.19
N HIS B 52 26.52 1.76 12.03
CA HIS B 52 25.67 1.09 11.10
C HIS B 52 26.09 1.36 9.67
N SER B 53 25.62 0.49 8.80
CA SER B 53 25.89 0.54 7.37
C SER B 53 25.05 1.63 6.71
N ASP B 54 25.35 1.92 5.46
CA ASP B 54 24.55 2.86 4.64
C ASP B 54 23.29 2.14 4.15
N LEU B 55 22.16 2.81 4.22
CA LEU B 55 20.89 2.30 3.74
C LEU B 55 20.92 1.92 2.29
N SER B 56 20.55 0.67 2.03
CA SER B 56 20.35 0.20 0.64
C SER B 56 19.09 -0.64 0.54
N PHE B 57 18.87 -1.28 -0.59
CA PHE B 57 17.65 -2.04 -0.72
C PHE B 57 17.83 -3.21 -1.62
N SER B 58 16.86 -4.12 -1.57
CA SER B 58 16.88 -5.38 -2.35
C SER B 58 16.04 -5.35 -3.58
N LYS B 59 16.02 -6.49 -4.27
CA LYS B 59 15.39 -6.60 -5.54
C LYS B 59 13.92 -6.34 -5.47
N ASP B 60 13.29 -6.56 -4.31
CA ASP B 60 11.83 -6.22 -4.15
C ASP B 60 11.61 -4.82 -3.56
N TRP B 61 12.65 -3.99 -3.55
CA TRP B 61 12.63 -2.60 -3.08
C TRP B 61 12.63 -2.43 -1.57
N SER B 62 12.65 -3.54 -0.82
CA SER B 62 12.72 -3.45 0.61
C SER B 62 14.12 -3.10 1.10
N PHE B 63 14.22 -2.35 2.16
CA PHE B 63 15.45 -1.83 2.66
C PHE B 63 16.16 -2.80 3.62
N TYR B 64 17.45 -2.61 3.75
CA TYR B 64 18.22 -3.36 4.70
C TYR B 64 19.34 -2.48 5.25
N LEU B 65 19.75 -2.79 6.45
CA LEU B 65 20.81 -2.10 7.21
C LEU B 65 21.45 -3.11 8.16
N LEU B 66 22.73 -2.91 8.41
CA LEU B 66 23.46 -3.64 9.47
C LEU B 66 23.86 -2.68 10.59
N TYR B 67 23.49 -3.02 11.80
CA TYR B 67 24.02 -2.37 12.98
C TYR B 67 25.01 -3.31 13.68
N TYR B 68 26.08 -2.76 14.21
CA TYR B 68 27.14 -3.57 14.82
C TYR B 68 27.90 -2.88 15.90
N THR B 69 28.42 -3.70 16.82
CA THR B 69 29.23 -3.18 17.85
C THR B 69 30.23 -4.26 18.32
N GLU B 70 31.34 -3.82 18.91
CA GLU B 70 32.29 -4.75 19.54
C GLU B 70 31.65 -5.35 20.80
N PHE B 71 31.90 -6.64 21.06
CA PHE B 71 31.43 -7.25 22.28
C PHE B 71 32.33 -8.45 22.58
N THR B 72 32.27 -8.86 23.81
CA THR B 72 32.96 -10.08 24.20
C THR B 72 31.92 -10.95 24.90
N PRO B 73 31.46 -11.96 24.19
CA PRO B 73 30.47 -12.90 24.74
C PRO B 73 30.98 -13.70 25.90
N THR B 74 30.04 -14.03 26.79
CA THR B 74 30.26 -14.95 27.89
C THR B 74 29.02 -15.88 27.98
N GLU B 75 29.11 -16.87 28.81
CA GLU B 75 28.00 -17.83 28.86
C GLU B 75 26.79 -17.16 29.50
N LYS B 76 27.02 -16.18 30.36
CA LYS B 76 25.90 -15.63 31.14
C LYS B 76 25.20 -14.38 30.58
N ASP B 77 25.93 -13.58 29.85
CA ASP B 77 25.40 -12.30 29.43
C ASP B 77 24.37 -12.51 28.32
N GLU B 78 23.27 -11.73 28.37
CA GLU B 78 22.21 -11.76 27.34
C GLU B 78 22.34 -10.53 26.41
N TYR B 79 22.39 -10.76 25.13
CA TYR B 79 22.45 -9.76 24.13
C TYR B 79 21.22 -9.82 23.25
N ALA B 80 20.76 -8.67 22.79
CA ALA B 80 19.51 -8.59 22.03
C ALA B 80 19.49 -7.35 21.15
N CYS B 81 18.67 -7.39 20.12
CA CYS B 81 18.47 -6.27 19.20
C CYS B 81 16.99 -5.83 19.45
N ARG B 82 16.70 -4.53 19.60
CA ARG B 82 15.33 -4.10 19.79
C ARG B 82 15.04 -3.13 18.63
N VAL B 83 13.99 -3.41 17.90
CA VAL B 83 13.69 -2.64 16.66
C VAL B 83 12.28 -2.01 16.70
N ASN B 84 12.18 -0.75 16.29
CA ASN B 84 10.95 -0.12 16.15
C ASN B 84 10.76 0.39 14.71
N HIS B 85 9.51 0.32 14.24
CA HIS B 85 9.17 0.64 12.84
C HIS B 85 7.69 0.95 12.83
N VAL B 86 7.24 1.74 11.88
CA VAL B 86 5.84 2.13 11.79
C VAL B 86 4.88 0.95 11.71
N THR B 87 5.34 -0.18 11.18
CA THR B 87 4.51 -1.36 11.05
C THR B 87 4.34 -2.09 12.36
N LEU B 88 5.10 -1.76 13.39
CA LEU B 88 5.08 -2.51 14.61
C LEU B 88 4.25 -1.80 15.70
N SER B 89 3.39 -2.53 16.41
CA SER B 89 2.67 -2.01 17.60
C SER B 89 3.54 -1.62 18.77
N GLN B 90 4.54 -2.44 18.98
CA GLN B 90 5.50 -2.19 20.01
C GLN B 90 6.82 -2.72 19.45
N PRO B 91 7.91 -2.33 20.08
CA PRO B 91 9.22 -2.67 19.56
C PRO B 91 9.40 -4.18 19.62
N LYS B 92 10.04 -4.75 18.63
CA LYS B 92 10.34 -6.16 18.62
C LYS B 92 11.72 -6.40 19.18
N ILE B 93 11.87 -7.33 20.13
CA ILE B 93 13.15 -7.68 20.70
C ILE B 93 13.56 -9.09 20.24
N VAL B 94 14.70 -9.24 19.61
CA VAL B 94 15.24 -10.51 19.23
C VAL B 94 16.50 -10.80 20.02
N LYS B 95 16.52 -11.89 20.78
CA LYS B 95 17.68 -12.27 21.57
C LYS B 95 18.75 -12.98 20.72
N TRP B 96 20.00 -12.73 21.03
CA TRP B 96 21.07 -13.38 20.38
C TRP B 96 21.14 -14.87 20.81
N ASP B 97 21.19 -15.75 19.80
CA ASP B 97 21.53 -17.21 19.95
C ASP B 97 22.84 -17.47 19.22
N ARG B 98 23.86 -17.90 19.94
CA ARG B 98 25.19 -18.07 19.30
C ARG B 98 25.20 -19.13 18.19
N ASP B 99 24.20 -19.97 18.12
CA ASP B 99 24.11 -20.90 16.96
C ASP B 99 23.02 -20.53 15.97
N MET B 100 22.71 -19.24 15.84
CA MET B 100 21.80 -18.77 14.83
C MET B 100 22.30 -17.49 14.12
N ILE C 1 31.31 5.26 -12.09
CA ILE C 1 30.85 6.64 -12.06
C ILE C 1 29.37 6.77 -12.25
N LEU C 2 28.75 7.78 -11.67
CA LEU C 2 27.34 8.01 -11.83
C LEU C 2 27.03 8.49 -13.24
N ALA C 3 25.78 8.34 -13.66
CA ALA C 3 25.28 8.99 -14.86
C ALA C 3 25.51 10.49 -14.78
N LYS C 4 25.74 11.08 -15.93
CA LYS C 4 26.04 12.46 -16.02
C LYS C 4 24.84 13.38 -15.77
N PHE C 5 23.63 12.88 -15.96
CA PHE C 5 22.39 13.66 -15.72
C PHE C 5 21.19 12.70 -15.72
N LEU C 6 20.08 13.10 -15.15
CA LEU C 6 18.89 12.28 -15.14
C LEU C 6 17.77 13.18 -15.64
N HIS C 7 16.80 12.64 -16.36
CA HIS C 7 15.59 13.39 -16.72
C HIS C 7 14.54 13.30 -15.63
N GLU C 8 13.90 14.42 -15.31
CA GLU C 8 12.75 14.39 -14.42
C GLU C 8 11.60 13.47 -14.93
N LEU C 9 10.85 12.87 -14.01
CA LEU C 9 9.57 12.19 -14.29
C LEU C 9 8.46 13.10 -14.74
N GLY D 1 -37.93 11.80 11.67
CA GLY D 1 -37.85 10.43 11.18
C GLY D 1 -36.68 9.69 11.77
N SER D 2 -36.31 8.66 11.06
CA SER D 2 -35.39 7.70 11.58
C SER D 2 -33.95 8.14 11.36
N HIS D 3 -33.06 7.47 12.09
CA HIS D 3 -31.65 7.74 12.03
C HIS D 3 -30.85 6.43 12.19
N SER D 4 -29.59 6.47 11.79
CA SER D 4 -28.73 5.33 11.81
C SER D 4 -27.29 5.77 12.14
N MET D 5 -26.51 4.83 12.70
CA MET D 5 -25.08 4.96 12.84
C MET D 5 -24.49 3.71 12.23
N ARG D 6 -23.55 3.88 11.28
CA ARG D 6 -22.98 2.73 10.53
C ARG D 6 -21.49 2.91 10.47
N TYR D 7 -20.75 1.80 10.67
CA TYR D 7 -19.35 1.76 10.46
C TYR D 7 -19.03 0.75 9.36
N PHE D 8 -18.12 1.17 8.48
CA PHE D 8 -17.72 0.49 7.30
C PHE D 8 -16.22 0.24 7.37
N PHE D 9 -15.79 -1.03 7.21
CA PHE D 9 -14.38 -1.40 7.27
C PHE D 9 -13.97 -2.20 6.03
N THR D 10 -12.82 -1.85 5.47
CA THR D 10 -12.24 -2.59 4.35
C THR D 10 -10.79 -2.99 4.70
N SER D 11 -10.40 -4.25 4.51
CA SER D 11 -9.06 -4.66 4.66
C SER D 11 -8.64 -5.35 3.36
N VAL D 12 -7.50 -4.96 2.77
CA VAL D 12 -7.03 -5.51 1.58
C VAL D 12 -5.61 -6.04 1.75
N SER D 13 -5.41 -7.31 1.45
CA SER D 13 -4.07 -7.90 1.55
C SER D 13 -3.17 -7.47 0.42
N ARG D 14 -1.89 -7.46 0.66
CA ARG D 14 -0.96 -7.11 -0.36
C ARG D 14 -0.05 -8.32 -0.52
N PRO D 15 0.36 -8.65 -1.71
CA PRO D 15 1.21 -9.82 -1.91
C PRO D 15 2.50 -9.85 -1.09
N GLY D 16 2.85 -11.07 -0.72
CA GLY D 16 4.10 -11.37 -0.04
C GLY D 16 4.10 -10.76 1.35
N ARG D 17 5.20 -10.16 1.73
CA ARG D 17 5.29 -9.60 3.04
C ARG D 17 4.69 -8.20 3.17
N GLY D 18 3.98 -7.64 2.16
CA GLY D 18 3.32 -6.36 2.41
C GLY D 18 2.20 -6.37 3.47
N GLU D 19 2.10 -5.35 4.33
CA GLU D 19 1.03 -5.31 5.32
C GLU D 19 -0.33 -4.96 4.61
N PRO D 20 -1.46 -5.40 5.11
CA PRO D 20 -2.76 -5.07 4.50
C PRO D 20 -3.12 -3.62 4.77
N ARG D 21 -3.82 -3.03 3.83
CA ARG D 21 -4.37 -1.72 4.00
C ARG D 21 -5.70 -1.85 4.77
N PHE D 22 -5.93 -0.97 5.75
CA PHE D 22 -7.15 -0.99 6.54
C PHE D 22 -7.76 0.42 6.48
N ILE D 23 -9.03 0.47 6.16
CA ILE D 23 -9.83 1.71 6.13
C ILE D 23 -11.06 1.52 6.94
N ALA D 24 -11.39 2.49 7.77
CA ALA D 24 -12.57 2.50 8.52
C ALA D 24 -13.26 3.89 8.35
N VAL D 25 -14.56 3.88 8.14
CA VAL D 25 -15.31 5.16 8.10
C VAL D 25 -16.59 4.97 8.90
N GLY D 26 -17.04 6.01 9.59
CA GLY D 26 -18.28 5.96 10.33
C GLY D 26 -19.19 7.10 9.86
N TYR D 27 -20.46 6.79 9.83
CA TYR D 27 -21.50 7.67 9.38
C TYR D 27 -22.63 7.76 10.42
N VAL D 28 -23.17 8.96 10.58
CA VAL D 28 -24.47 9.14 11.17
C VAL D 28 -25.38 9.54 9.98
N ASP D 29 -26.42 8.76 9.76
CA ASP D 29 -27.29 8.94 8.59
C ASP D 29 -26.37 8.95 7.36
N ASP D 30 -26.43 10.00 6.52
CA ASP D 30 -25.57 10.06 5.33
C ASP D 30 -24.36 10.96 5.52
N THR D 31 -23.97 11.21 6.76
CA THR D 31 -22.91 12.19 7.04
C THR D 31 -21.73 11.45 7.63
N GLN D 32 -20.59 11.54 6.98
CA GLN D 32 -19.36 10.93 7.49
C GLN D 32 -18.84 11.70 8.68
N PHE D 33 -18.46 10.99 9.76
CA PHE D 33 -17.96 11.73 10.94
C PHE D 33 -16.60 11.34 11.42
N VAL D 34 -16.11 10.13 11.09
CA VAL D 34 -14.77 9.74 11.49
C VAL D 34 -14.17 8.90 10.35
N ARG D 35 -12.86 8.85 10.34
CA ARG D 35 -12.15 7.96 9.41
C ARG D 35 -10.85 7.45 10.05
N PHE D 36 -10.37 6.34 9.53
CA PHE D 36 -9.05 5.86 9.81
C PHE D 36 -8.55 5.23 8.50
N ASP D 37 -7.31 5.51 8.16
CA ASP D 37 -6.71 4.88 7.03
C ASP D 37 -5.26 4.51 7.38
N SER D 38 -4.93 3.21 7.36
CA SER D 38 -3.59 2.76 7.70
C SER D 38 -2.49 3.31 6.84
N ASP D 39 -2.78 3.74 5.61
CA ASP D 39 -1.78 4.41 4.76
C ASP D 39 -1.54 5.89 5.11
N ALA D 40 -2.45 6.52 5.85
CA ALA D 40 -2.34 7.93 6.12
C ALA D 40 -1.31 8.28 7.20
N ALA D 41 -0.91 9.55 7.22
CA ALA D 41 0.16 10.00 8.06
C ALA D 41 -0.08 9.85 9.56
N SER D 42 -1.29 10.17 10.02
CA SER D 42 -1.56 10.34 11.45
C SER D 42 -1.50 9.04 12.26
N GLN D 43 -1.91 7.95 11.64
CA GLN D 43 -2.06 6.67 12.37
C GLN D 43 -3.10 6.77 13.50
N ARG D 44 -4.09 7.66 13.35
CA ARG D 44 -5.09 7.87 14.39
C ARG D 44 -6.47 7.94 13.71
N MET D 45 -7.51 7.70 14.52
CA MET D 45 -8.88 8.00 14.12
C MET D 45 -8.93 9.53 14.02
N GLU D 46 -9.53 10.03 12.94
CA GLU D 46 -9.62 11.46 12.67
C GLU D 46 -11.07 11.89 12.48
N PRO D 47 -11.39 13.10 12.92
CA PRO D 47 -12.70 13.69 12.69
C PRO D 47 -12.97 14.06 11.24
N ARG D 48 -14.21 13.91 10.82
CA ARG D 48 -14.65 14.34 9.50
C ARG D 48 -15.93 15.19 9.51
N ALA D 49 -16.39 15.58 10.69
CA ALA D 49 -17.54 16.46 10.86
C ALA D 49 -17.18 17.41 11.99
N PRO D 50 -17.56 18.68 11.88
CA PRO D 50 -17.28 19.63 12.92
C PRO D 50 -17.76 19.30 14.31
N TRP D 51 -18.92 18.69 14.44
CA TRP D 51 -19.48 18.40 15.76
C TRP D 51 -18.76 17.30 16.58
N ILE D 52 -17.98 16.44 15.92
CA ILE D 52 -17.28 15.36 16.65
C ILE D 52 -15.97 15.90 17.23
N GLU D 53 -15.50 17.01 16.70
CA GLU D 53 -14.28 17.61 17.20
C GLU D 53 -14.40 18.11 18.64
N GLN D 54 -15.62 18.25 19.15
CA GLN D 54 -15.80 18.67 20.52
C GLN D 54 -15.53 17.52 21.49
N GLU D 55 -15.49 16.27 21.01
CA GLU D 55 -15.08 15.12 21.84
C GLU D 55 -13.61 15.31 22.26
N GLY D 56 -13.29 15.01 23.52
CA GLY D 56 -11.97 15.25 24.06
C GLY D 56 -10.98 14.15 23.78
N PRO D 57 -9.74 14.30 24.26
CA PRO D 57 -8.65 13.35 23.96
C PRO D 57 -8.93 11.91 24.35
N GLU D 58 -9.68 11.69 25.43
CA GLU D 58 -10.11 10.35 25.83
C GLU D 58 -10.92 9.68 24.71
N TYR D 59 -11.80 10.43 24.06
CA TYR D 59 -12.53 9.86 22.94
C TYR D 59 -11.59 9.43 21.82
N TRP D 60 -10.73 10.36 21.39
CA TRP D 60 -9.87 10.09 20.23
C TRP D 60 -8.82 9.00 20.52
N ASP D 61 -8.28 9.01 21.75
CA ASP D 61 -7.37 7.95 22.19
C ASP D 61 -8.11 6.62 22.18
N GLY D 62 -9.32 6.56 22.71
CA GLY D 62 -10.03 5.27 22.79
C GLY D 62 -10.37 4.76 21.44
N GLU D 63 -10.87 5.64 20.59
CA GLU D 63 -11.25 5.20 19.27
C GLU D 63 -10.09 4.79 18.41
N THR D 64 -8.96 5.44 18.58
CA THR D 64 -7.74 5.02 17.88
C THR D 64 -7.29 3.64 18.37
N ARG D 65 -7.33 3.41 19.70
CA ARG D 65 -7.03 2.04 20.26
C ARG D 65 -7.90 0.97 19.62
N LYS D 66 -9.20 1.21 19.59
CA LYS D 66 -10.18 0.31 19.06
C LYS D 66 -10.04 0.07 17.59
N VAL D 67 -9.81 1.12 16.80
CA VAL D 67 -9.73 0.94 15.37
C VAL D 67 -8.48 0.20 15.02
N LYS D 68 -7.40 0.40 15.77
CA LYS D 68 -6.21 -0.42 15.59
C LYS D 68 -6.44 -1.90 15.95
N ALA D 69 -7.20 -2.13 16.99
CA ALA D 69 -7.57 -3.51 17.35
C ALA D 69 -8.43 -4.13 16.26
N HIS D 70 -9.37 -3.35 15.68
CA HIS D 70 -10.16 -3.82 14.55
C HIS D 70 -9.26 -4.23 13.38
N SER D 71 -8.25 -3.43 13.10
CA SER D 71 -7.40 -3.74 11.98
C SER D 71 -6.62 -5.03 12.21
N GLN D 72 -6.24 -5.27 13.44
CA GLN D 72 -5.60 -6.54 13.78
C GLN D 72 -6.48 -7.75 13.59
N THR D 73 -7.76 -7.61 13.96
CA THR D 73 -8.67 -8.70 13.71
C THR D 73 -8.82 -9.01 12.25
N HIS D 74 -8.89 -7.96 11.41
CA HIS D 74 -9.02 -8.20 10.01
C HIS D 74 -7.76 -8.77 9.42
N ARG D 75 -6.61 -8.36 9.93
CA ARG D 75 -5.35 -8.90 9.47
C ARG D 75 -5.30 -10.45 9.66
N VAL D 76 -5.67 -10.92 10.86
CA VAL D 76 -5.74 -12.33 11.14
C VAL D 76 -6.73 -13.04 10.26
N ASP D 77 -7.88 -12.42 10.07
CA ASP D 77 -8.93 -12.96 9.25
C ASP D 77 -8.54 -13.12 7.79
N LEU D 78 -7.80 -12.16 7.24
CA LEU D 78 -7.30 -12.38 5.87
C LEU D 78 -6.46 -13.67 5.71
N GLY D 79 -5.62 -13.95 6.72
CA GLY D 79 -4.87 -15.16 6.82
C GLY D 79 -5.77 -16.37 6.93
N THR D 80 -6.75 -16.32 7.81
CA THR D 80 -7.64 -17.49 7.97
C THR D 80 -8.35 -17.82 6.68
N LEU D 81 -8.84 -16.77 6.01
CA LEU D 81 -9.64 -16.94 4.83
C LEU D 81 -8.85 -17.49 3.64
N ARG D 82 -7.60 -17.09 3.54
CA ARG D 82 -6.73 -17.61 2.52
C ARG D 82 -6.59 -19.15 2.59
N GLY D 83 -6.45 -19.68 3.82
CA GLY D 83 -6.49 -21.12 4.05
C GLY D 83 -7.87 -21.71 3.73
N TYR D 84 -8.94 -21.08 4.23
CA TYR D 84 -10.28 -21.64 4.02
C TYR D 84 -10.62 -21.81 2.54
N TYR D 85 -10.19 -20.89 1.73
CA TYR D 85 -10.47 -20.96 0.30
C TYR D 85 -9.30 -21.52 -0.54
N ASN D 86 -8.28 -22.05 0.13
CA ASN D 86 -7.12 -22.64 -0.52
C ASN D 86 -6.49 -21.73 -1.57
N GLN D 87 -6.12 -20.52 -1.15
CA GLN D 87 -5.57 -19.49 -2.02
C GLN D 87 -4.10 -19.17 -1.72
N SER D 88 -3.33 -18.81 -2.76
CA SER D 88 -1.86 -18.63 -2.66
C SER D 88 -1.59 -17.28 -2.02
N GLU D 89 -0.32 -16.98 -1.77
CA GLU D 89 0.07 -15.70 -1.16
C GLU D 89 0.25 -14.63 -2.19
N ALA D 90 0.17 -15.00 -3.46
CA ALA D 90 0.51 -14.13 -4.59
C ALA D 90 -0.53 -13.10 -4.86
N GLY D 91 -1.78 -13.42 -4.58
CA GLY D 91 -2.86 -12.48 -4.89
C GLY D 91 -3.33 -11.65 -3.71
N SER D 92 -3.91 -10.51 -4.02
CA SER D 92 -4.59 -9.65 -3.08
C SER D 92 -6.12 -9.99 -2.90
N HIS D 93 -6.58 -9.99 -1.66
CA HIS D 93 -7.95 -10.33 -1.32
C HIS D 93 -8.48 -9.26 -0.43
N THR D 94 -9.79 -9.20 -0.30
CA THR D 94 -10.47 -8.10 0.39
C THR D 94 -11.52 -8.64 1.41
N VAL D 95 -11.49 -8.14 2.63
CA VAL D 95 -12.57 -8.33 3.64
C VAL D 95 -13.25 -7.03 3.87
N GLN D 96 -14.57 -7.05 3.96
CA GLN D 96 -15.38 -5.88 4.29
C GLN D 96 -16.33 -6.23 5.37
N ARG D 97 -16.58 -5.26 6.28
CA ARG D 97 -17.42 -5.44 7.40
C ARG D 97 -18.22 -4.18 7.58
N MET D 98 -19.50 -4.37 7.86
CA MET D 98 -20.40 -3.22 8.21
C MET D 98 -21.23 -3.59 9.41
N TYR D 99 -21.36 -2.66 10.35
CA TYR D 99 -22.24 -2.85 11.44
C TYR D 99 -22.83 -1.49 11.86
N GLY D 100 -23.98 -1.59 12.53
CA GLY D 100 -24.60 -0.40 13.07
C GLY D 100 -26.04 -0.61 13.48
N CYS D 101 -26.70 0.50 13.81
CA CYS D 101 -28.06 0.46 14.39
C CYS D 101 -28.89 1.57 13.77
N ASP D 102 -30.18 1.33 13.69
CA ASP D 102 -31.19 2.32 13.29
C ASP D 102 -32.06 2.59 14.49
N VAL D 103 -32.49 3.84 14.62
CA VAL D 103 -33.49 4.25 15.59
C VAL D 103 -34.63 4.91 14.88
N GLY D 104 -35.79 4.90 15.53
CA GLY D 104 -37.01 5.47 14.95
C GLY D 104 -37.14 6.94 15.30
N SER D 105 -38.30 7.52 14.97
CA SER D 105 -38.58 8.91 15.26
C SER D 105 -38.49 9.23 16.74
N ASP D 106 -38.85 8.27 17.58
CA ASP D 106 -38.73 8.45 19.02
C ASP D 106 -37.29 8.19 19.51
N TRP D 107 -36.34 7.95 18.59
CA TRP D 107 -34.93 7.60 18.90
C TRP D 107 -34.71 6.31 19.73
N ARG D 108 -35.67 5.41 19.66
CA ARG D 108 -35.54 4.11 20.23
C ARG D 108 -35.05 3.13 19.16
N PHE D 109 -34.42 2.07 19.64
CA PHE D 109 -33.87 1.04 18.80
C PHE D 109 -34.92 0.48 17.83
N LEU D 110 -34.56 0.43 16.55
CA LEU D 110 -35.40 -0.18 15.55
C LEU D 110 -34.78 -1.47 15.00
N ARG D 111 -33.51 -1.41 14.68
CA ARG D 111 -32.87 -2.48 13.92
C ARG D 111 -31.38 -2.47 14.15
N GLY D 112 -30.75 -3.64 14.08
CA GLY D 112 -29.27 -3.73 14.17
C GLY D 112 -28.72 -4.58 13.04
N TYR D 113 -27.43 -4.36 12.70
N TYR D 113 -27.44 -4.48 12.78
CA TYR D 113 -26.75 -4.96 11.54
CA TYR D 113 -26.93 -5.28 11.71
C TYR D 113 -25.34 -5.40 11.90
C TYR D 113 -25.41 -5.41 11.86
N HIS D 114 -24.93 -6.54 11.36
CA HIS D 114 -23.54 -6.84 11.29
C HIS D 114 -23.33 -7.81 10.16
N GLN D 115 -22.60 -7.37 9.11
CA GLN D 115 -22.43 -8.14 7.92
C GLN D 115 -20.96 -8.20 7.51
N TYR D 116 -20.56 -9.29 6.88
CA TYR D 116 -19.17 -9.49 6.54
C TYR D 116 -19.08 -10.12 5.15
N ALA D 117 -18.08 -9.72 4.38
CA ALA D 117 -17.91 -10.17 3.03
C ALA D 117 -16.44 -10.47 2.75
N TYR D 118 -16.23 -11.41 1.87
CA TYR D 118 -14.90 -11.71 1.38
C TYR D 118 -14.86 -11.71 -0.10
N ASP D 119 -13.92 -10.96 -0.67
CA ASP D 119 -13.71 -10.87 -2.13
C ASP D 119 -14.99 -10.48 -2.85
N GLY D 120 -15.68 -9.58 -2.23
CA GLY D 120 -16.84 -8.93 -2.81
C GLY D 120 -18.15 -9.71 -2.70
N LYS D 121 -18.21 -10.76 -1.89
CA LYS D 121 -19.39 -11.61 -1.79
C LYS D 121 -19.72 -11.79 -0.30
N ASP D 122 -21.03 -11.84 0.00
CA ASP D 122 -21.50 -12.13 1.35
C ASP D 122 -20.76 -13.36 1.89
N TYR D 123 -20.30 -13.27 3.12
CA TYR D 123 -19.68 -14.36 3.79
C TYR D 123 -20.60 -14.81 4.97
N ILE D 124 -20.82 -13.92 5.93
CA ILE D 124 -21.70 -14.20 7.06
C ILE D 124 -22.36 -12.96 7.53
N ALA D 125 -23.59 -13.08 8.02
CA ALA D 125 -24.31 -11.94 8.58
C ALA D 125 -25.21 -12.36 9.69
N LEU D 126 -25.40 -11.39 10.55
CA LEU D 126 -26.27 -11.53 11.71
C LEU D 126 -27.71 -11.35 11.21
N LYS D 127 -28.61 -12.23 11.55
CA LYS D 127 -29.96 -12.04 11.12
C LYS D 127 -30.66 -10.98 11.94
N GLU D 128 -31.86 -10.61 11.51
CA GLU D 128 -32.53 -9.47 12.10
C GLU D 128 -32.92 -9.69 13.56
N ASP D 129 -33.10 -10.92 14.00
CA ASP D 129 -33.38 -11.15 15.42
C ASP D 129 -32.16 -10.97 16.32
N LEU D 130 -31.01 -10.77 15.70
CA LEU D 130 -29.72 -10.57 16.36
C LEU D 130 -29.36 -11.77 17.26
N ARG D 131 -29.86 -12.97 16.92
CA ARG D 131 -29.55 -14.16 17.76
C ARG D 131 -29.00 -15.32 16.92
N SER D 132 -28.95 -15.16 15.61
CA SER D 132 -28.63 -16.24 14.72
C SER D 132 -27.96 -15.68 13.48
N TRP D 133 -27.29 -16.56 12.72
CA TRP D 133 -26.41 -16.17 11.62
C TRP D 133 -26.81 -16.81 10.32
N THR D 134 -26.53 -16.13 9.24
CA THR D 134 -26.74 -16.67 7.92
C THR D 134 -25.35 -16.76 7.29
N ALA D 135 -24.97 -17.98 6.91
CA ALA D 135 -23.64 -18.26 6.36
C ALA D 135 -23.72 -18.63 4.89
N ALA D 136 -22.83 -18.06 4.08
CA ALA D 136 -22.91 -18.15 2.59
C ALA D 136 -22.45 -19.50 2.04
N ASP D 137 -21.51 -20.13 2.74
CA ASP D 137 -20.90 -21.33 2.26
C ASP D 137 -20.24 -22.15 3.39
N MET D 138 -19.51 -23.18 3.01
CA MET D 138 -18.94 -24.09 3.95
C MET D 138 -17.90 -23.45 4.85
N ALA D 139 -17.12 -22.54 4.29
CA ALA D 139 -16.16 -21.81 5.11
C ALA D 139 -16.91 -21.00 6.18
N ALA D 140 -17.95 -20.28 5.74
CA ALA D 140 -18.66 -19.41 6.67
C ALA D 140 -19.40 -20.26 7.73
N GLN D 141 -19.81 -21.45 7.37
CA GLN D 141 -20.38 -22.39 8.36
C GLN D 141 -19.42 -22.72 9.53
N THR D 142 -18.15 -22.88 9.23
CA THR D 142 -17.11 -23.04 10.23
C THR D 142 -17.04 -21.80 11.20
N THR D 143 -17.10 -20.60 10.61
CA THR D 143 -17.15 -19.40 11.37
C THR D 143 -18.45 -19.36 12.23
N LYS D 144 -19.58 -19.69 11.62
CA LYS D 144 -20.86 -19.71 12.31
C LYS D 144 -20.78 -20.63 13.50
N HIS D 145 -20.29 -21.83 13.32
CA HIS D 145 -20.14 -22.76 14.46
C HIS D 145 -19.21 -22.24 15.57
N LYS D 146 -18.09 -21.63 15.20
CA LYS D 146 -17.21 -21.02 16.19
C LYS D 146 -17.89 -19.84 16.92
N TRP D 147 -18.65 -19.03 16.18
CA TRP D 147 -19.29 -17.85 16.74
C TRP D 147 -20.49 -18.19 17.58
N GLU D 148 -21.18 -19.26 17.26
CA GLU D 148 -22.20 -19.83 18.11
C GLU D 148 -21.65 -20.32 19.46
N ALA D 149 -20.55 -21.05 19.40
CA ALA D 149 -19.92 -21.64 20.60
C ALA D 149 -19.39 -20.57 21.53
N ALA D 150 -18.89 -19.51 20.96
CA ALA D 150 -18.39 -18.37 21.71
C ALA D 150 -19.46 -17.30 22.05
N HIS D 151 -20.73 -17.52 21.71
CA HIS D 151 -21.79 -16.56 22.02
C HIS D 151 -21.56 -15.12 21.49
N VAL D 152 -21.04 -15.04 20.28
CA VAL D 152 -20.73 -13.79 19.63
C VAL D 152 -22.00 -12.99 19.38
N ALA D 153 -23.07 -13.63 18.94
CA ALA D 153 -24.28 -12.87 18.63
C ALA D 153 -24.79 -12.14 19.88
N GLU D 154 -24.72 -12.79 21.05
CA GLU D 154 -25.22 -12.16 22.27
C GLU D 154 -24.40 -10.89 22.58
N GLN D 155 -23.12 -10.94 22.30
CA GLN D 155 -22.22 -9.82 22.52
C GLN D 155 -22.50 -8.68 21.57
N LEU D 156 -22.74 -9.01 20.31
CA LEU D 156 -23.05 -7.97 19.37
C LEU D 156 -24.37 -7.33 19.70
N ARG D 157 -25.34 -8.14 20.12
CA ARG D 157 -26.66 -7.63 20.38
C ARG D 157 -26.59 -6.55 21.46
N ALA D 158 -25.74 -6.74 22.46
CA ALA D 158 -25.60 -5.77 23.56
C ALA D 158 -25.04 -4.47 23.03
N TYR D 159 -24.10 -4.57 22.11
CA TYR D 159 -23.51 -3.36 21.47
C TYR D 159 -24.59 -2.66 20.61
N LEU D 160 -25.24 -3.43 19.76
CA LEU D 160 -26.16 -2.85 18.79
C LEU D 160 -27.40 -2.23 19.47
N GLU D 161 -27.92 -2.85 20.54
CA GLU D 161 -29.11 -2.36 21.20
C GLU D 161 -28.80 -1.38 22.33
N GLY D 162 -27.55 -1.33 22.81
CA GLY D 162 -27.20 -0.55 23.98
C GLY D 162 -26.28 0.57 23.54
N THR D 163 -25.01 0.24 23.39
CA THR D 163 -24.00 1.26 23.15
C THR D 163 -24.27 2.11 21.89
N CYS D 164 -24.58 1.42 20.81
CA CYS D 164 -24.76 2.01 19.48
C CYS D 164 -25.88 3.04 19.54
N VAL D 165 -27.00 2.66 20.13
CA VAL D 165 -28.16 3.56 20.28
C VAL D 165 -27.82 4.77 21.11
N GLU D 166 -27.15 4.53 22.25
CA GLU D 166 -26.83 5.61 23.16
C GLU D 166 -25.90 6.64 22.57
N TRP D 167 -24.85 6.19 21.89
CA TRP D 167 -23.90 7.11 21.30
C TRP D 167 -24.51 7.81 20.06
N LEU D 168 -25.32 7.06 19.30
CA LEU D 168 -26.09 7.68 18.21
C LEU D 168 -26.93 8.86 18.73
N ARG D 169 -27.63 8.68 19.84
CA ARG D 169 -28.40 9.77 20.41
C ARG D 169 -27.54 10.94 20.87
N ARG D 170 -26.36 10.62 21.39
CA ARG D 170 -25.47 11.68 21.81
C ARG D 170 -25.00 12.49 20.58
N TYR D 171 -24.61 11.76 19.55
CA TYR D 171 -24.15 12.44 18.32
C TYR D 171 -25.28 13.28 17.70
N LEU D 172 -26.50 12.78 17.72
CA LEU D 172 -27.66 13.53 17.16
C LEU D 172 -27.90 14.80 17.91
N GLU D 173 -27.74 14.74 19.22
CA GLU D 173 -27.81 15.93 20.02
C GLU D 173 -26.66 16.91 19.83
N ASN D 174 -25.43 16.44 19.89
CA ASN D 174 -24.26 17.33 19.72
C ASN D 174 -24.09 17.89 18.31
N GLY D 175 -24.48 17.12 17.31
CA GLY D 175 -24.43 17.52 15.91
C GLY D 175 -25.77 18.04 15.39
N LYS D 176 -26.64 18.42 16.30
CA LYS D 176 -28.01 18.72 15.97
C LYS D 176 -28.12 19.74 14.79
N GLU D 177 -27.30 20.79 14.82
CA GLU D 177 -27.32 21.87 13.80
C GLU D 177 -27.13 21.34 12.39
N THR D 178 -26.42 20.25 12.21
CA THR D 178 -26.29 19.66 10.86
C THR D 178 -26.89 18.28 10.63
N LEU D 179 -27.01 17.42 11.65
CA LEU D 179 -27.61 16.13 11.43
C LEU D 179 -29.13 16.14 11.40
N GLN D 180 -29.75 17.01 12.16
CA GLN D 180 -31.19 16.99 12.30
C GLN D 180 -31.79 17.94 11.26
N ARG D 181 -31.28 17.92 10.06
CA ARG D 181 -31.83 18.81 9.02
C ARG D 181 -32.32 17.88 7.92
N THR D 182 -33.36 18.31 7.21
CA THR D 182 -33.71 17.64 5.99
C THR D 182 -33.83 18.75 4.97
N ASP D 183 -33.17 18.55 3.84
CA ASP D 183 -33.12 19.52 2.76
C ASP D 183 -33.95 18.91 1.63
N ALA D 184 -35.15 19.46 1.33
CA ALA D 184 -35.97 19.01 0.22
C ALA D 184 -35.28 19.26 -1.10
N PRO D 185 -35.51 18.41 -2.10
CA PRO D 185 -34.87 18.64 -3.41
C PRO D 185 -35.33 19.92 -4.08
N LYS D 186 -34.38 20.67 -4.64
CA LYS D 186 -34.67 21.71 -5.62
C LYS D 186 -34.78 21.05 -6.97
N THR D 187 -35.86 21.29 -7.68
CA THR D 187 -36.14 20.54 -8.86
C THR D 187 -36.31 21.45 -10.05
N HIS D 188 -35.97 20.89 -11.22
CA HIS D 188 -36.26 21.54 -12.50
C HIS D 188 -36.14 20.54 -13.63
N MET D 189 -36.55 20.98 -14.81
CA MET D 189 -36.54 20.10 -15.96
C MET D 189 -35.79 20.76 -17.10
N THR D 190 -35.07 19.99 -17.87
CA THR D 190 -34.42 20.53 -19.05
C THR D 190 -34.86 19.72 -20.22
N HIS D 191 -34.68 20.33 -21.41
CA HIS D 191 -35.19 19.76 -22.62
C HIS D 191 -34.09 19.91 -23.67
N HIS D 192 -33.78 18.86 -24.42
CA HIS D 192 -32.90 19.04 -25.60
C HIS D 192 -33.33 18.19 -26.77
N ALA D 193 -33.36 18.78 -27.96
CA ALA D 193 -33.59 18.04 -29.17
C ALA D 193 -32.50 16.97 -29.37
N VAL D 194 -32.89 15.76 -29.74
CA VAL D 194 -31.84 14.76 -30.08
C VAL D 194 -31.85 14.35 -31.55
N SER D 195 -32.77 14.90 -32.32
CA SER D 195 -32.87 14.73 -33.74
C SER D 195 -34.00 15.69 -34.11
N ASP D 196 -34.42 15.70 -35.34
CA ASP D 196 -35.62 16.47 -35.68
C ASP D 196 -36.96 15.82 -35.23
N HIS D 197 -36.95 14.64 -34.62
CA HIS D 197 -38.26 14.00 -34.27
C HIS D 197 -38.26 13.48 -32.82
N GLU D 198 -37.15 13.61 -32.10
CA GLU D 198 -37.11 13.23 -30.71
C GLU D 198 -36.42 14.28 -29.87
N ALA D 199 -36.74 14.29 -28.59
CA ALA D 199 -36.15 15.15 -27.63
C ALA D 199 -35.95 14.46 -26.30
N THR D 200 -34.97 14.92 -25.55
CA THR D 200 -34.72 14.40 -24.22
C THR D 200 -35.35 15.35 -23.20
N LEU D 201 -36.11 14.79 -22.26
CA LEU D 201 -36.50 15.51 -21.06
C LEU D 201 -35.70 14.95 -19.88
N ARG D 202 -35.15 15.83 -19.08
CA ARG D 202 -34.39 15.40 -17.89
C ARG D 202 -34.91 16.14 -16.67
N CYS D 203 -35.32 15.37 -15.70
N CYS D 203 -35.29 15.35 -15.70
CA CYS D 203 -35.83 15.96 -14.48
CA CYS D 203 -35.80 15.85 -14.43
C CYS D 203 -34.76 15.81 -13.39
C CYS D 203 -34.72 15.81 -13.39
N TRP D 204 -34.45 16.93 -12.75
CA TRP D 204 -33.35 17.06 -11.83
C TRP D 204 -33.84 17.27 -10.37
N ALA D 205 -33.13 16.65 -9.44
CA ALA D 205 -33.29 16.85 -8.02
C ALA D 205 -31.89 17.23 -7.50
N LEU D 206 -31.77 18.43 -6.96
CA LEU D 206 -30.55 18.94 -6.41
C LEU D 206 -30.64 19.33 -4.95
N SER D 207 -29.48 19.32 -4.29
CA SER D 207 -29.27 19.92 -3.00
C SER D 207 -30.13 19.26 -1.95
N PHE D 208 -30.34 17.96 -2.03
CA PHE D 208 -31.19 17.30 -1.08
C PHE D 208 -30.41 16.46 -0.04
N TYR D 209 -31.06 16.22 1.08
CA TYR D 209 -30.54 15.44 2.19
C TYR D 209 -31.69 15.00 3.04
N PRO D 210 -31.72 13.76 3.50
CA PRO D 210 -30.73 12.70 3.22
C PRO D 210 -30.78 12.18 1.78
N ALA D 211 -29.97 11.14 1.51
CA ALA D 211 -29.74 10.71 0.14
C ALA D 211 -30.92 9.93 -0.53
N GLU D 212 -31.79 9.32 0.28
CA GLU D 212 -32.84 8.48 -0.22
C GLU D 212 -33.83 9.36 -0.98
N ILE D 213 -34.14 8.99 -2.20
CA ILE D 213 -35.02 9.80 -3.06
C ILE D 213 -35.54 8.83 -4.09
N THR D 214 -36.69 9.13 -4.62
CA THR D 214 -37.26 8.34 -5.71
C THR D 214 -37.69 9.33 -6.84
N LEU D 215 -37.23 9.09 -8.08
CA LEU D 215 -37.60 9.82 -9.27
C LEU D 215 -38.18 8.88 -10.28
N THR D 216 -39.35 9.18 -10.82
CA THR D 216 -40.00 8.25 -11.74
C THR D 216 -40.64 9.06 -12.84
N TRP D 217 -40.68 8.51 -14.05
CA TRP D 217 -41.36 9.16 -15.17
C TRP D 217 -42.64 8.43 -15.44
N GLN D 218 -43.70 9.19 -15.77
CA GLN D 218 -44.91 8.62 -16.19
C GLN D 218 -45.25 9.20 -17.55
N ARG D 219 -45.87 8.42 -18.38
CA ARG D 219 -46.46 8.92 -19.60
C ARG D 219 -47.98 8.73 -19.48
N ASP D 220 -48.75 9.79 -19.66
CA ASP D 220 -50.19 9.74 -19.41
C ASP D 220 -50.55 9.01 -18.13
N GLY D 221 -49.80 9.31 -17.08
CA GLY D 221 -50.07 8.75 -15.78
C GLY D 221 -49.69 7.29 -15.57
N GLU D 222 -48.95 6.70 -16.52
CA GLU D 222 -48.60 5.29 -16.47
C GLU D 222 -47.07 5.19 -16.37
N ASP D 223 -46.58 4.35 -15.48
CA ASP D 223 -45.13 4.28 -15.22
C ASP D 223 -44.33 3.85 -16.43
N GLN D 224 -43.18 4.46 -16.61
CA GLN D 224 -42.49 4.41 -17.87
C GLN D 224 -41.06 4.08 -17.57
N THR D 225 -40.59 2.92 -17.98
CA THR D 225 -39.15 2.62 -17.93
C THR D 225 -38.53 2.47 -19.38
N GLN D 226 -39.34 2.14 -20.36
CA GLN D 226 -38.90 2.19 -21.76
C GLN D 226 -38.28 3.57 -22.05
N ASP D 227 -37.10 3.54 -22.65
CA ASP D 227 -36.47 4.74 -23.20
C ASP D 227 -36.20 5.79 -22.12
N THR D 228 -36.03 5.35 -20.85
CA THR D 228 -35.59 6.19 -19.74
C THR D 228 -34.17 5.83 -19.24
N GLU D 229 -33.59 6.73 -18.49
CA GLU D 229 -32.27 6.56 -17.91
C GLU D 229 -32.27 7.24 -16.53
N LEU D 230 -31.80 6.54 -15.51
CA LEU D 230 -31.83 7.04 -14.15
C LEU D 230 -30.36 6.94 -13.70
N VAL D 231 -29.74 7.99 -13.17
CA VAL D 231 -28.41 7.82 -12.63
C VAL D 231 -28.46 7.50 -11.17
N GLU D 232 -27.39 6.94 -10.68
CA GLU D 232 -27.26 6.75 -9.24
C GLU D 232 -27.23 8.07 -8.55
N THR D 233 -27.76 8.10 -7.35
CA THR D 233 -27.72 9.30 -6.53
C THR D 233 -26.24 9.56 -6.19
N ARG D 234 -25.82 10.81 -6.25
CA ARG D 234 -24.39 11.19 -6.19
C ARG D 234 -24.17 12.35 -5.25
N PRO D 235 -22.98 12.38 -4.63
CA PRO D 235 -22.76 13.48 -3.65
C PRO D 235 -22.43 14.76 -4.39
N ALA D 236 -22.89 15.92 -3.92
CA ALA D 236 -22.52 17.14 -4.57
C ALA D 236 -21.16 17.59 -4.07
N GLY D 237 -20.76 17.14 -2.88
CA GLY D 237 -19.46 17.51 -2.32
C GLY D 237 -19.56 18.47 -1.14
N ASP D 238 -20.76 19.01 -0.90
CA ASP D 238 -21.10 20.01 0.14
C ASP D 238 -22.08 19.52 1.20
N GLY D 239 -22.26 18.22 1.29
CA GLY D 239 -23.18 17.62 2.25
C GLY D 239 -24.59 17.31 1.73
N THR D 240 -24.87 17.65 0.47
CA THR D 240 -26.09 17.25 -0.17
C THR D 240 -25.88 16.32 -1.37
N PHE D 241 -26.99 15.89 -1.94
CA PHE D 241 -27.01 14.94 -3.00
C PHE D 241 -27.77 15.44 -4.21
N GLN D 242 -27.52 14.73 -5.32
CA GLN D 242 -28.04 15.05 -6.66
C GLN D 242 -28.54 13.76 -7.31
N LYS D 243 -29.57 13.88 -8.16
CA LYS D 243 -30.03 12.79 -8.96
C LYS D 243 -30.74 13.37 -10.16
N TRP D 244 -30.69 12.64 -11.27
CA TRP D 244 -31.60 12.93 -12.38
C TRP D 244 -32.14 11.71 -13.06
N ALA D 245 -33.26 11.90 -13.78
CA ALA D 245 -33.87 10.87 -14.52
C ALA D 245 -34.30 11.49 -15.88
N ALA D 246 -34.11 10.74 -16.97
CA ALA D 246 -34.40 11.26 -18.30
C ALA D 246 -35.18 10.29 -19.15
N VAL D 247 -36.01 10.83 -20.08
CA VAL D 247 -36.76 10.06 -21.02
C VAL D 247 -36.58 10.69 -22.42
N VAL D 248 -36.58 9.89 -23.46
CA VAL D 248 -36.56 10.36 -24.79
C VAL D 248 -38.01 10.29 -25.25
N VAL D 249 -38.50 11.39 -25.79
CA VAL D 249 -39.87 11.49 -26.15
C VAL D 249 -40.01 11.95 -27.61
N PRO D 250 -41.16 11.69 -28.24
CA PRO D 250 -41.44 12.31 -29.56
C PRO D 250 -41.58 13.84 -29.44
N SER D 251 -41.00 14.57 -30.38
CA SER D 251 -41.10 16.03 -30.41
C SER D 251 -42.57 16.44 -30.49
N GLY D 252 -42.98 17.45 -29.72
CA GLY D 252 -44.36 17.84 -29.66
C GLY D 252 -45.19 17.08 -28.64
N GLN D 253 -44.67 16.01 -28.04
CA GLN D 253 -45.45 15.26 -27.04
C GLN D 253 -44.91 15.35 -25.62
N GLU D 254 -44.06 16.34 -25.41
CA GLU D 254 -43.41 16.55 -24.10
C GLU D 254 -44.47 16.65 -22.95
N GLN D 255 -45.63 17.20 -23.22
CA GLN D 255 -46.63 17.46 -22.17
C GLN D 255 -47.29 16.20 -21.62
N ARG D 256 -47.15 15.08 -22.33
CA ARG D 256 -47.65 13.79 -21.87
C ARG D 256 -46.88 13.16 -20.72
N TYR D 257 -45.70 13.69 -20.47
CA TYR D 257 -44.75 13.08 -19.57
C TYR D 257 -44.70 13.87 -18.29
N THR D 258 -44.70 13.16 -17.19
CA THR D 258 -44.45 13.78 -15.92
C THR D 258 -43.39 13.07 -15.10
N CYS D 259 -42.66 13.85 -14.34
CA CYS D 259 -41.64 13.36 -13.46
C CYS D 259 -42.15 13.48 -12.02
N HIS D 260 -42.01 12.43 -11.24
CA HIS D 260 -42.54 12.35 -9.91
C HIS D 260 -41.40 12.21 -8.91
N VAL D 261 -41.37 13.08 -7.91
CA VAL D 261 -40.36 13.08 -6.91
C VAL D 261 -40.84 12.89 -5.48
N GLN D 262 -40.29 11.87 -4.82
CA GLN D 262 -40.60 11.57 -3.43
C GLN D 262 -39.33 11.68 -2.61
N HIS D 263 -39.44 12.39 -1.51
CA HIS D 263 -38.31 12.62 -0.63
C HIS D 263 -38.85 12.93 0.74
N GLU D 264 -38.13 12.54 1.81
CA GLU D 264 -38.56 12.79 3.20
C GLU D 264 -38.84 14.24 3.45
N GLY D 265 -38.15 15.10 2.71
CA GLY D 265 -38.27 16.55 2.83
C GLY D 265 -39.53 17.16 2.21
N LEU D 266 -40.30 16.37 1.46
CA LEU D 266 -41.49 16.89 0.79
C LEU D 266 -42.71 16.39 1.56
N PRO D 267 -43.62 17.30 1.94
CA PRO D 267 -44.85 16.87 2.57
C PRO D 267 -45.79 16.08 1.62
N LYS D 268 -45.63 16.26 0.31
CA LYS D 268 -46.28 15.38 -0.64
C LYS D 268 -45.38 15.26 -1.87
N PRO D 269 -45.44 14.10 -2.55
CA PRO D 269 -44.68 13.95 -3.80
C PRO D 269 -44.89 15.13 -4.77
N LEU D 270 -43.84 15.55 -5.47
CA LEU D 270 -43.93 16.57 -6.49
C LEU D 270 -44.23 15.91 -7.82
N THR D 271 -45.00 16.60 -8.64
CA THR D 271 -45.18 16.21 -10.04
C THR D 271 -44.69 17.34 -10.92
N LEU D 272 -43.78 17.06 -11.83
CA LEU D 272 -43.28 18.08 -12.67
C LEU D 272 -43.57 17.78 -14.16
N ARG D 273 -43.79 18.85 -14.91
CA ARG D 273 -44.08 18.80 -16.31
C ARG D 273 -43.23 19.87 -17.01
N TRP D 274 -42.86 19.64 -18.25
CA TRP D 274 -42.06 20.58 -19.03
C TRP D 274 -42.92 21.80 -19.25
N GLU D 275 -42.50 22.90 -18.67
CA GLU D 275 -43.40 24.03 -18.44
C GLU D 275 -43.15 25.28 -19.29
N PRO D 276 -41.87 25.70 -19.51
CA PRO D 276 -41.69 26.60 -20.65
C PRO D 276 -41.84 25.71 -21.83
N MET E 1 -14.08 -14.93 -6.05
CA MET E 1 -13.75 -13.56 -6.50
C MET E 1 -15.03 -13.01 -7.19
N ILE E 2 -15.47 -11.80 -6.87
CA ILE E 2 -16.48 -11.16 -7.70
C ILE E 2 -15.84 -9.85 -8.01
N GLN E 3 -15.37 -9.61 -9.24
CA GLN E 3 -14.95 -8.27 -9.66
C GLN E 3 -16.03 -7.44 -10.41
N ARG E 4 -15.90 -6.13 -10.37
CA ARG E 4 -16.90 -5.30 -11.02
C ARG E 4 -16.23 -4.03 -11.58
N THR E 5 -16.61 -3.66 -12.79
CA THR E 5 -16.08 -2.45 -13.39
C THR E 5 -16.69 -1.14 -12.83
N PRO E 6 -15.95 -0.03 -12.76
CA PRO E 6 -16.53 1.21 -12.22
C PRO E 6 -17.58 1.90 -13.09
N LYS E 7 -18.61 2.42 -12.44
CA LYS E 7 -19.53 3.36 -13.03
C LYS E 7 -18.85 4.68 -12.82
N ILE E 8 -19.02 5.65 -13.75
CA ILE E 8 -18.36 6.92 -13.60
C ILE E 8 -19.37 8.01 -13.97
N GLN E 9 -19.49 8.99 -13.09
CA GLN E 9 -20.24 10.23 -13.41
C GLN E 9 -19.32 11.43 -13.20
N VAL E 10 -19.42 12.36 -14.16
CA VAL E 10 -18.64 13.57 -14.10
C VAL E 10 -19.59 14.75 -14.13
N TYR E 11 -19.49 15.64 -13.18
CA TYR E 11 -20.54 16.63 -13.01
C TYR E 11 -20.04 17.79 -12.15
N SER E 12 -20.76 18.89 -12.12
CA SER E 12 -20.37 20.02 -11.26
C SER E 12 -21.18 20.02 -9.96
N ARG E 13 -20.62 20.60 -8.92
CA ARG E 13 -21.32 20.76 -7.67
C ARG E 13 -22.56 21.67 -7.77
N HIS E 14 -22.40 22.80 -8.43
CA HIS E 14 -23.46 23.73 -8.70
C HIS E 14 -23.71 23.76 -10.18
N PRO E 15 -24.92 24.21 -10.57
CA PRO E 15 -25.18 24.47 -12.00
C PRO E 15 -24.13 25.34 -12.64
N ALA E 16 -23.64 24.88 -13.78
CA ALA E 16 -22.50 25.53 -14.37
C ALA E 16 -22.89 26.90 -14.91
N GLU E 17 -22.07 27.91 -14.62
CA GLU E 17 -22.19 29.19 -15.28
C GLU E 17 -20.83 29.54 -15.75
N ASN E 18 -20.75 29.86 -17.02
CA ASN E 18 -19.48 30.12 -17.64
C ASN E 18 -18.78 31.30 -16.98
N GLY E 19 -17.49 31.13 -16.68
CA GLY E 19 -16.68 32.17 -16.05
C GLY E 19 -16.82 32.25 -14.53
N LYS E 20 -17.70 31.45 -13.95
CA LYS E 20 -17.88 31.40 -12.45
C LYS E 20 -17.30 30.17 -11.82
N SER E 21 -16.47 30.39 -10.78
CA SER E 21 -15.87 29.34 -10.02
C SER E 21 -16.88 28.29 -9.49
N ASN E 22 -16.49 27.01 -9.48
CA ASN E 22 -17.34 25.88 -9.14
C ASN E 22 -16.43 24.70 -8.73
N PHE E 23 -16.97 23.51 -8.58
CA PHE E 23 -16.25 22.28 -8.35
C PHE E 23 -16.62 21.24 -9.39
N LEU E 24 -15.63 20.57 -9.98
CA LEU E 24 -15.77 19.44 -10.86
C LEU E 24 -15.60 18.17 -10.08
N ASN E 25 -16.59 17.30 -10.15
CA ASN E 25 -16.62 16.05 -9.45
C ASN E 25 -16.53 14.87 -10.44
N CYS E 26 -15.80 13.82 -10.03
CA CYS E 26 -15.86 12.52 -10.67
C CYS E 26 -16.19 11.51 -9.60
N TYR E 27 -17.37 10.92 -9.70
CA TYR E 27 -17.86 9.98 -8.73
C TYR E 27 -17.76 8.63 -9.39
N VAL E 28 -16.92 7.76 -8.79
CA VAL E 28 -16.70 6.45 -9.30
C VAL E 28 -17.28 5.46 -8.28
N SER E 29 -18.13 4.57 -8.74
CA SER E 29 -18.87 3.69 -7.89
C SER E 29 -19.06 2.34 -8.54
N GLY E 30 -19.62 1.42 -7.78
CA GLY E 30 -19.89 0.11 -8.28
C GLY E 30 -18.75 -0.82 -8.60
N PHE E 31 -17.55 -0.55 -8.10
CA PHE E 31 -16.40 -1.26 -8.52
C PHE E 31 -15.88 -2.22 -7.44
N HIS E 32 -15.15 -3.20 -7.90
CA HIS E 32 -14.47 -4.18 -7.02
C HIS E 32 -13.42 -4.90 -7.81
N PRO E 33 -12.20 -5.11 -7.27
CA PRO E 33 -11.72 -4.69 -5.95
C PRO E 33 -11.45 -3.20 -5.81
N SER E 34 -10.82 -2.77 -4.70
CA SER E 34 -10.82 -1.36 -4.34
C SER E 34 -9.72 -0.50 -4.99
N ASP E 35 -8.70 -1.11 -5.54
CA ASP E 35 -7.64 -0.28 -6.11
C ASP E 35 -8.14 0.35 -7.38
N ILE E 36 -7.96 1.68 -7.47
CA ILE E 36 -8.52 2.48 -8.60
C ILE E 36 -7.64 3.69 -8.84
N GLU E 37 -7.52 4.16 -10.07
CA GLU E 37 -6.72 5.35 -10.37
C GLU E 37 -7.60 6.32 -11.09
N VAL E 38 -7.67 7.56 -10.66
CA VAL E 38 -8.59 8.52 -11.25
C VAL E 38 -7.85 9.82 -11.51
N ASP E 39 -8.03 10.43 -12.71
CA ASP E 39 -7.37 11.66 -13.11
C ASP E 39 -8.47 12.56 -13.61
N LEU E 40 -8.48 13.80 -13.15
CA LEU E 40 -9.37 14.81 -13.73
C LEU E 40 -8.56 15.59 -14.74
N LEU E 41 -9.16 15.89 -15.92
CA LEU E 41 -8.44 16.46 -16.99
C LEU E 41 -9.10 17.71 -17.49
N LYS E 42 -8.27 18.64 -17.89
CA LYS E 42 -8.70 19.83 -18.61
C LYS E 42 -7.98 19.84 -19.94
N ASN E 43 -8.76 19.83 -21.00
CA ASN E 43 -8.23 19.74 -22.38
C ASN E 43 -7.19 18.67 -22.51
N GLY E 44 -7.44 17.54 -21.87
CA GLY E 44 -6.58 16.38 -21.94
C GLY E 44 -5.39 16.38 -21.00
N GLU E 45 -5.16 17.46 -20.24
CA GLU E 45 -4.01 17.54 -19.33
C GLU E 45 -4.44 17.36 -17.88
N ARG E 46 -3.63 16.68 -17.09
CA ARG E 46 -3.97 16.39 -15.69
C ARG E 46 -4.17 17.70 -14.90
N ILE E 47 -5.23 17.76 -14.13
CA ILE E 47 -5.46 18.90 -13.28
C ILE E 47 -4.68 18.59 -11.97
N GLU E 48 -4.04 19.63 -11.48
CA GLU E 48 -2.94 19.45 -10.54
C GLU E 48 -3.45 19.17 -9.15
N LYS E 49 -4.45 19.90 -8.68
CA LYS E 49 -4.88 19.81 -7.26
C LYS E 49 -6.25 19.13 -7.14
N VAL E 50 -6.27 17.83 -6.92
CA VAL E 50 -7.50 17.08 -6.88
C VAL E 50 -7.57 16.38 -5.54
N GLU E 51 -8.71 16.43 -4.90
CA GLU E 51 -8.88 15.79 -3.59
C GLU E 51 -9.87 14.65 -3.74
N HIS E 52 -9.91 13.75 -2.77
CA HIS E 52 -10.87 12.72 -2.83
C HIS E 52 -11.39 12.33 -1.47
N SER E 53 -12.55 11.68 -1.48
CA SER E 53 -13.24 11.21 -0.27
C SER E 53 -12.59 9.95 0.25
N ASP E 54 -12.98 9.53 1.43
CA ASP E 54 -12.57 8.26 1.98
C ASP E 54 -13.36 7.11 1.32
N LEU E 55 -12.65 6.03 1.01
CA LEU E 55 -13.27 4.84 0.48
C LEU E 55 -14.35 4.26 1.36
N SER E 56 -15.52 4.08 0.75
CA SER E 56 -16.58 3.34 1.44
C SER E 56 -17.29 2.42 0.44
N PHE E 57 -18.40 1.84 0.81
CA PHE E 57 -19.01 0.87 -0.08
C PHE E 57 -20.50 0.82 0.13
N SER E 58 -21.16 0.24 -0.86
CA SER E 58 -22.62 0.18 -0.94
C SER E 58 -23.16 -1.13 -0.45
N LYS E 59 -24.46 -1.29 -0.52
CA LYS E 59 -25.13 -2.42 0.03
C LYS E 59 -24.76 -3.67 -0.68
N ASP E 60 -24.29 -3.59 -1.94
CA ASP E 60 -23.87 -4.81 -2.67
C ASP E 60 -22.35 -5.03 -2.53
N TRP E 61 -21.71 -4.32 -1.58
CA TRP E 61 -20.27 -4.38 -1.26
C TRP E 61 -19.34 -3.68 -2.29
N SER E 62 -19.90 -3.09 -3.33
CA SER E 62 -19.11 -2.38 -4.31
C SER E 62 -18.70 -1.03 -3.76
N PHE E 63 -17.50 -0.61 -4.09
CA PHE E 63 -16.93 0.60 -3.57
C PHE E 63 -17.30 1.87 -4.31
N TYR E 64 -17.16 2.99 -3.63
CA TYR E 64 -17.36 4.30 -4.25
C TYR E 64 -16.44 5.33 -3.59
N LEU E 65 -16.10 6.34 -4.37
CA LEU E 65 -15.21 7.38 -4.05
C LEU E 65 -15.62 8.63 -4.86
N LEU E 66 -15.47 9.79 -4.27
CA LEU E 66 -15.62 11.08 -5.00
C LEU E 66 -14.26 11.76 -5.16
N TYR E 67 -13.90 12.09 -6.38
CA TYR E 67 -12.77 12.97 -6.62
C TYR E 67 -13.28 14.34 -7.05
N TYR E 68 -12.59 15.39 -6.59
CA TYR E 68 -13.06 16.77 -6.87
C TYR E 68 -11.98 17.77 -6.95
N THR E 69 -12.26 18.85 -7.70
CA THR E 69 -11.36 19.94 -7.79
C THR E 69 -12.10 21.24 -8.11
N GLU E 70 -11.53 22.39 -7.71
CA GLU E 70 -12.08 23.73 -8.11
C GLU E 70 -11.86 23.91 -9.61
N PHE E 71 -12.86 24.47 -10.31
CA PHE E 71 -12.69 24.77 -11.72
C PHE E 71 -13.62 25.95 -12.05
N THR E 72 -13.31 26.61 -13.15
CA THR E 72 -14.21 27.61 -13.67
C THR E 72 -14.51 27.21 -15.12
N PRO E 73 -15.71 26.72 -15.30
CA PRO E 73 -16.14 26.35 -16.65
C PRO E 73 -16.26 27.47 -17.62
N THR E 74 -15.97 27.13 -18.89
CA THR E 74 -16.22 28.03 -20.02
C THR E 74 -16.90 27.20 -21.16
N GLU E 75 -17.32 27.85 -22.20
CA GLU E 75 -18.00 27.10 -23.26
C GLU E 75 -17.00 26.26 -24.04
N LYS E 76 -15.76 26.67 -24.09
CA LYS E 76 -14.79 26.01 -24.95
C LYS E 76 -13.96 24.89 -24.32
N ASP E 77 -13.70 25.01 -23.04
CA ASP E 77 -12.75 24.06 -22.39
C ASP E 77 -13.44 22.74 -22.18
N GLU E 78 -12.70 21.64 -22.41
CA GLU E 78 -13.17 20.27 -22.22
C GLU E 78 -12.60 19.70 -20.91
N TYR E 79 -13.48 19.20 -20.10
CA TYR E 79 -13.15 18.54 -18.85
C TYR E 79 -13.58 17.11 -18.89
N ALA E 80 -12.78 16.22 -18.26
CA ALA E 80 -13.06 14.81 -18.33
C ALA E 80 -12.49 14.13 -17.10
N CYS E 81 -12.97 12.92 -16.85
CA CYS E 81 -12.45 12.04 -15.78
C CYS E 81 -11.85 10.82 -16.48
N ARG E 82 -10.65 10.38 -16.12
CA ARG E 82 -10.04 9.19 -16.76
C ARG E 82 -9.80 8.20 -15.60
N VAL E 83 -10.29 6.98 -15.78
CA VAL E 83 -10.24 5.99 -14.73
C VAL E 83 -9.61 4.71 -15.19
N ASN E 84 -8.76 4.15 -14.34
CA ASN E 84 -8.20 2.89 -14.60
C ASN E 84 -8.48 1.93 -13.42
N HIS E 85 -8.68 0.67 -13.77
CA HIS E 85 -9.06 -0.38 -12.82
C HIS E 85 -8.69 -1.73 -13.46
N VAL E 86 -8.48 -2.74 -12.65
CA VAL E 86 -8.07 -4.04 -13.13
C VAL E 86 -9.05 -4.66 -14.12
N THR E 87 -10.31 -4.29 -14.07
CA THR E 87 -11.31 -4.82 -14.95
C THR E 87 -11.26 -4.18 -16.30
N LEU E 88 -10.50 -3.12 -16.49
CA LEU E 88 -10.52 -2.38 -17.70
C LEU E 88 -9.29 -2.69 -18.58
N SER E 89 -9.50 -2.92 -19.87
CA SER E 89 -8.40 -3.07 -20.84
C SER E 89 -7.54 -1.84 -21.02
N GLN E 90 -8.19 -0.71 -21.04
CA GLN E 90 -7.52 0.56 -21.14
C GLN E 90 -8.36 1.51 -20.30
N PRO E 91 -7.77 2.66 -19.96
CA PRO E 91 -8.45 3.60 -19.14
C PRO E 91 -9.74 4.10 -19.78
N LYS E 92 -10.78 4.25 -19.00
CA LYS E 92 -12.02 4.81 -19.51
C LYS E 92 -12.03 6.31 -19.33
N ILE E 93 -12.34 7.08 -20.36
CA ILE E 93 -12.45 8.52 -20.25
C ILE E 93 -13.94 8.96 -20.38
N VAL E 94 -14.44 9.70 -19.44
CA VAL E 94 -15.78 10.26 -19.50
C VAL E 94 -15.73 11.78 -19.53
N LYS E 95 -16.31 12.40 -20.56
CA LYS E 95 -16.28 13.85 -20.69
C LYS E 95 -17.41 14.52 -19.90
N TRP E 96 -17.13 15.65 -19.33
CA TRP E 96 -18.12 16.43 -18.62
C TRP E 96 -19.17 17.01 -19.58
N ASP E 97 -20.45 16.73 -19.27
CA ASP E 97 -21.60 17.39 -19.95
C ASP E 97 -22.31 18.22 -18.88
N ARG E 98 -22.46 19.51 -19.10
CA ARG E 98 -23.00 20.37 -18.04
C ARG E 98 -24.48 20.09 -17.72
N ASP E 99 -25.18 19.37 -18.58
CA ASP E 99 -26.56 18.92 -18.22
C ASP E 99 -26.65 17.43 -17.86
N MET E 100 -25.60 16.84 -17.32
CA MET E 100 -25.66 15.47 -16.90
C MET E 100 -24.99 15.28 -15.53
N ILE F 1 -19.60 5.45 18.60
CA ILE F 1 -18.29 4.78 18.88
C ILE F 1 -18.26 3.35 18.36
N LEU F 2 -17.07 2.90 18.07
CA LEU F 2 -16.84 1.55 17.60
C LEU F 2 -17.16 0.48 18.67
N ALA F 3 -17.41 -0.72 18.19
CA ALA F 3 -17.46 -1.87 19.05
C ALA F 3 -16.18 -1.94 19.86
N LYS F 4 -16.32 -2.47 21.05
CA LYS F 4 -15.22 -2.57 21.96
C LYS F 4 -14.20 -3.67 21.61
N PHE F 5 -14.62 -4.67 20.87
CA PHE F 5 -13.73 -5.75 20.42
C PHE F 5 -14.51 -6.60 19.40
N LEU F 6 -13.79 -7.39 18.65
CA LEU F 6 -14.36 -8.19 17.62
C LEU F 6 -13.74 -9.55 17.76
N HIS F 7 -14.49 -10.58 17.45
CA HIS F 7 -13.98 -11.95 17.49
C HIS F 7 -13.46 -12.28 16.09
N GLU F 8 -12.28 -12.85 16.06
CA GLU F 8 -11.75 -13.47 14.83
C GLU F 8 -12.68 -14.53 14.19
N LEU F 9 -12.69 -14.59 12.87
CA LEU F 9 -13.54 -15.54 12.15
C LEU F 9 -12.90 -16.94 12.07
#